data_3N43
#
_entry.id   3N43
#
_cell.length_a   58.406
_cell.length_b   90.812
_cell.length_c   179.450
_cell.angle_alpha   90.00
_cell.angle_beta   90.00
_cell.angle_gamma   90.00
#
_symmetry.space_group_name_H-M   'P 21 21 21'
#
loop_
_entity.id
_entity.type
_entity.pdbx_description
1 polymer 'E3 envelope glycoprotein'
2 polymer 'E2 envelope glycoprotein'
3 polymer 'E1 envelope glycoprotein'
4 branched 2-acetamido-2-deoxy-alpha-D-glucopyranose-(1-4)-2-acetamido-2-deoxy-beta-D-glucopyranose
5 non-polymer 2-acetamido-2-deoxy-beta-D-glucopyranose
6 non-polymer 'ACETATE ION'
7 water water
#
loop_
_entity_poly.entity_id
_entity_poly.type
_entity_poly.pdbx_seq_one_letter_code
_entity_poly.pdbx_strand_id
1 'polypeptide(L)' MSLAIPVMCLLANTTFPCSQPPCTPCCYEKEPEETLRMLEDNVMRPGYYQLLQASLTCSPHRQRR A
2 'polypeptide(L)'
;STKDNFNVYKATRPYLAHCPDCGEGHSCHSPVALERIRNEATDGTLKIQVSLQIGIKTDDSHDWTKLRYMDNHMPADAER
AGLFVRTSAPCTITGTMGHFILARCPKGETLTVGFTDSRKISHSCTHPFHHDPPVIGREKFHSRPQHGKELPCSTYVQST
AATTEEIEVHMPPDTPDRTLMSQQSGNVKITVNGQTVRYKCNCGGSNEGLTTTDKVINNCKVDQCHAAVTNHKKWQYNSP
LVPRNAELGDRKGKIHIPFPLANVTCRVPKARNPTVTYGKNQVIMLLYPDHPTLLSYRNMGEEPNYQEEWVMHKKEVVLT
VPTEGLEVTWGNNEPYKYWPQLSTNGTAHGHPHEIILYYY
;
B
3 'polypeptide(L)'
;ELYGGGGSGGGGSGGGGSGGGGYEHVTVIPNTVGVPYKTLVNRPGYSPMVLEMELLSVTLEPTLSLDYITCEYKTVIPSP
YVKCCGTAECKDKNLPDYSCKVFTGVYPFMWGGAYCFCDAENTQLSEAHVEKSESCKTEFASAYRAHTASASAKLRVLYQ
GNNITVTAYANGDHAVTVKDAKFIVGPMSSAWTPFDNKIVVYKGDVYNMDYPPFGAGRPGQFGDIQSRTPESKDVYANTQ
LVLQRPAAGTVHVPYSQAPSGFKYWLKERGASLQHTAPFGCQIATNPVRAVNCAVGNMPISIDIPEAAFTRVVDAPSLTD
MSCEVPACTHSSDFGGVAIIKYAASKKGKCAVHSMTNAVTIREAEIEVEGNSQLQISFSTALASAEFRVQVCSTQVHCAA
ECHPPKDHIVNYPASHTTLGVQDISATAMSWVQKGPFEDDDDKAGWSHPQFEKGGGSGGGSGGGSWSHPQFEK
;
F
#
loop_
_chem_comp.id
_chem_comp.type
_chem_comp.name
_chem_comp.formula
ACT non-polymer 'ACETATE ION' 'C2 H3 O2 -1'
NAG D-saccharide, beta linking 2-acetamido-2-deoxy-beta-D-glucopyranose 'C8 H15 N O6'
NDG D-saccharide, alpha linking 2-acetamido-2-deoxy-alpha-D-glucopyranose 'C8 H15 N O6'
#
# COMPACT_ATOMS: atom_id res chain seq x y z
N MET A 8 24.77 -17.64 19.98
CA MET A 8 25.28 -17.92 21.32
C MET A 8 24.87 -16.82 22.30
N CYS A 9 24.25 -17.21 23.43
CA CYS A 9 23.77 -16.30 24.48
C CYS A 9 24.79 -16.08 25.61
N LEU A 10 24.62 -14.99 26.38
CA LEU A 10 25.51 -14.59 27.48
C LEU A 10 24.81 -14.66 28.85
N LEU A 11 25.61 -14.92 29.92
CA LEU A 11 25.18 -14.98 31.31
C LEU A 11 26.35 -14.66 32.24
N ALA A 12 26.37 -13.42 32.78
CA ALA A 12 27.37 -12.84 33.69
C ALA A 12 28.83 -12.89 33.20
N ASN A 13 29.39 -14.09 32.98
CA ASN A 13 30.76 -14.32 32.51
C ASN A 13 30.92 -15.60 31.66
N THR A 14 29.82 -16.37 31.47
CA THR A 14 29.84 -17.62 30.71
C THR A 14 28.95 -17.59 29.46
N THR A 15 29.43 -18.22 28.37
CA THR A 15 28.73 -18.32 27.09
C THR A 15 28.03 -19.68 27.00
N PHE A 16 26.73 -19.67 26.63
CA PHE A 16 25.89 -20.87 26.53
C PHE A 16 24.98 -20.82 25.28
N PRO A 17 24.54 -21.97 24.70
CA PRO A 17 23.63 -21.92 23.54
C PRO A 17 22.25 -21.42 23.94
N CYS A 18 21.74 -20.42 23.19
CA CYS A 18 20.45 -19.73 23.40
C CYS A 18 19.25 -20.63 23.66
N SER A 19 19.07 -21.68 22.85
CA SER A 19 17.96 -22.62 22.98
C SER A 19 18.07 -23.53 24.22
N GLN A 20 19.28 -23.68 24.79
CA GLN A 20 19.53 -24.52 25.97
C GLN A 20 20.09 -23.74 27.17
N PRO A 21 19.24 -23.04 27.96
CA PRO A 21 19.75 -22.31 29.13
C PRO A 21 19.99 -23.22 30.36
N PRO A 22 20.84 -22.83 31.34
CA PRO A 22 21.08 -23.71 32.50
C PRO A 22 19.90 -23.84 33.49
N CYS A 23 18.98 -22.86 33.47
CA CYS A 23 17.80 -22.80 34.34
C CYS A 23 16.72 -23.86 34.06
N THR A 24 16.68 -24.40 32.81
CA THR A 24 15.71 -25.40 32.36
C THR A 24 15.68 -26.70 33.18
N PRO A 25 14.49 -27.31 33.46
CA PRO A 25 13.14 -26.88 33.05
C PRO A 25 12.50 -25.81 33.94
N CYS A 26 11.62 -24.98 33.34
CA CYS A 26 10.87 -23.87 33.97
C CYS A 26 11.80 -22.83 34.63
N CYS A 27 12.26 -21.86 33.82
CA CYS A 27 13.17 -20.79 34.27
C CYS A 27 12.48 -19.72 35.11
N TYR A 28 11.30 -19.25 34.67
CA TYR A 28 10.52 -18.21 35.36
C TYR A 28 9.91 -18.71 36.68
N GLU A 29 9.50 -19.99 36.73
CA GLU A 29 8.90 -20.61 37.92
C GLU A 29 9.89 -20.77 39.07
N LYS A 30 11.16 -21.12 38.76
CA LYS A 30 12.23 -21.30 39.74
C LYS A 30 12.70 -19.95 40.29
N GLU A 31 13.18 -19.06 39.39
CA GLU A 31 13.67 -17.72 39.71
C GLU A 31 13.05 -16.70 38.75
N PRO A 32 12.07 -15.89 39.18
CA PRO A 32 11.46 -14.91 38.25
C PRO A 32 12.34 -13.69 37.95
N GLU A 33 13.10 -13.20 38.95
CA GLU A 33 13.98 -12.03 38.81
C GLU A 33 15.23 -12.34 37.99
N GLU A 34 15.87 -13.50 38.23
CA GLU A 34 17.09 -13.95 37.54
C GLU A 34 16.86 -14.23 36.05
N THR A 35 15.66 -14.68 35.66
CA THR A 35 15.28 -15.00 34.29
C THR A 35 15.12 -13.72 33.44
N LEU A 36 14.44 -12.70 33.98
CA LEU A 36 14.22 -11.41 33.30
C LEU A 36 15.50 -10.62 33.11
N ARG A 37 16.43 -10.70 34.10
CA ARG A 37 17.74 -10.03 34.06
C ARG A 37 18.63 -10.65 32.99
N MET A 38 18.50 -11.98 32.79
CA MET A 38 19.24 -12.77 31.79
C MET A 38 18.82 -12.35 30.38
N LEU A 39 17.49 -12.18 30.16
CA LEU A 39 16.91 -11.76 28.88
C LEU A 39 17.27 -10.31 28.54
N GLU A 40 17.35 -9.44 29.57
CA GLU A 40 17.68 -8.02 29.43
C GLU A 40 19.11 -7.78 28.92
N ASP A 41 20.05 -8.70 29.24
CA ASP A 41 21.44 -8.63 28.81
C ASP A 41 21.63 -9.19 27.40
N ASN A 42 20.70 -10.06 26.95
CA ASN A 42 20.72 -10.70 25.63
C ASN A 42 19.77 -10.07 24.60
N VAL A 43 19.23 -8.87 24.91
CA VAL A 43 18.29 -8.13 24.05
C VAL A 43 18.88 -7.73 22.67
N MET A 44 20.20 -7.45 22.63
CA MET A 44 20.92 -7.06 21.41
C MET A 44 21.47 -8.27 20.62
N ARG A 45 21.47 -9.47 21.25
CA ARG A 45 21.95 -10.72 20.66
C ARG A 45 21.03 -11.21 19.51
N PRO A 46 21.58 -11.86 18.45
CA PRO A 46 20.71 -12.31 17.35
C PRO A 46 19.75 -13.45 17.70
N GLY A 47 20.18 -14.34 18.60
CA GLY A 47 19.38 -15.48 19.03
C GLY A 47 18.58 -15.23 20.30
N TYR A 48 18.05 -14.00 20.46
CA TYR A 48 17.25 -13.61 21.62
C TYR A 48 15.92 -14.36 21.72
N TYR A 49 15.18 -14.48 20.60
CA TYR A 49 13.88 -15.16 20.57
C TYR A 49 13.95 -16.67 20.78
N GLN A 50 15.15 -17.27 20.60
CA GLN A 50 15.41 -18.69 20.85
C GLN A 50 15.49 -18.90 22.36
N LEU A 51 16.02 -17.89 23.09
CA LEU A 51 16.17 -17.87 24.55
C LEU A 51 14.82 -17.57 25.23
N LEU A 52 14.05 -16.61 24.67
CA LEU A 52 12.73 -16.20 25.17
C LEU A 52 11.71 -17.35 25.09
N GLN A 53 11.83 -18.21 24.05
CA GLN A 53 10.96 -19.37 23.84
C GLN A 53 11.30 -20.48 24.84
N ALA A 54 12.60 -20.68 25.14
CA ALA A 54 13.09 -21.71 26.05
C ALA A 54 12.87 -21.37 27.53
N SER A 55 13.14 -20.10 27.93
CA SER A 55 13.01 -19.62 29.31
C SER A 55 11.55 -19.50 29.77
N LEU A 56 10.62 -19.22 28.84
CA LEU A 56 9.20 -19.05 29.16
C LEU A 56 8.32 -20.27 28.82
N THR A 57 8.91 -21.49 28.91
CA THR A 57 8.20 -22.75 28.65
C THR A 57 8.38 -23.71 29.83
N CYS A 58 7.26 -24.20 30.37
CA CYS A 58 7.22 -25.12 31.50
C CYS A 58 6.29 -26.30 31.22
N ASN B 7 4.40 -19.95 26.42
CA ASN B 7 3.60 -18.83 26.86
C ASN B 7 4.47 -17.63 27.24
N VAL B 8 4.21 -16.47 26.63
CA VAL B 8 4.96 -15.22 26.85
C VAL B 8 4.32 -14.36 27.95
N TYR B 9 3.03 -14.60 28.24
CA TYR B 9 2.24 -13.84 29.22
C TYR B 9 2.48 -14.17 30.70
N LYS B 10 3.36 -15.16 30.98
CA LYS B 10 3.70 -15.52 32.37
C LYS B 10 4.60 -14.46 33.02
N ALA B 11 5.45 -13.81 32.20
CA ALA B 11 6.37 -12.75 32.64
C ALA B 11 5.71 -11.37 32.61
N THR B 12 4.94 -11.07 31.54
CA THR B 12 4.23 -9.80 31.38
C THR B 12 2.99 -9.71 32.28
N ARG B 13 2.56 -8.47 32.60
CA ARG B 13 1.40 -8.22 33.45
C ARG B 13 0.58 -6.99 32.99
N PRO B 14 -0.76 -6.95 33.20
CA PRO B 14 -1.52 -5.74 32.83
C PRO B 14 -1.19 -4.59 33.78
N TYR B 15 -1.27 -3.34 33.31
CA TYR B 15 -0.90 -2.18 34.12
C TYR B 15 -1.87 -1.01 34.11
N LEU B 16 -1.65 -0.04 35.02
CA LEU B 16 -2.43 1.19 35.15
C LEU B 16 -1.59 2.33 34.57
N ALA B 17 -2.18 3.13 33.67
CA ALA B 17 -1.51 4.25 33.01
C ALA B 17 -2.43 5.47 32.87
N HIS B 18 -1.85 6.64 32.54
CA HIS B 18 -2.58 7.90 32.36
C HIS B 18 -3.51 7.88 31.16
N CYS B 19 -4.71 8.44 31.35
CA CYS B 19 -5.75 8.59 30.33
C CYS B 19 -6.33 10.00 30.44
N PRO B 20 -6.33 10.80 29.35
CA PRO B 20 -6.85 12.19 29.45
C PRO B 20 -8.36 12.29 29.65
N ASP B 21 -9.13 11.27 29.21
CA ASP B 21 -10.58 11.23 29.34
C ASP B 21 -11.09 9.83 29.70
N CYS B 22 -11.43 9.64 30.99
CA CYS B 22 -11.97 8.40 31.54
C CYS B 22 -13.50 8.42 31.54
N GLY B 23 -14.07 9.61 31.33
CA GLY B 23 -15.49 9.87 31.32
C GLY B 23 -15.79 11.27 31.80
N GLU B 24 -16.65 12.00 31.05
CA GLU B 24 -17.08 13.39 31.32
C GLU B 24 -15.92 14.42 31.22
N GLY B 25 -14.85 14.05 30.52
CA GLY B 25 -13.67 14.90 30.31
C GLY B 25 -12.73 14.99 31.49
N HIS B 26 -12.70 13.95 32.34
CA HIS B 26 -11.84 13.89 33.53
C HIS B 26 -10.73 12.85 33.39
N SER B 27 -9.50 13.23 33.77
CA SER B 27 -8.30 12.38 33.72
C SER B 27 -8.23 11.41 34.90
N CYS B 28 -7.77 10.16 34.64
CA CYS B 28 -7.64 9.11 35.66
C CYS B 28 -6.53 8.08 35.32
N HIS B 29 -6.18 7.22 36.30
CA HIS B 29 -5.23 6.13 36.14
C HIS B 29 -6.07 4.94 35.66
N SER B 30 -6.25 4.85 34.33
CA SER B 30 -7.10 3.85 33.66
C SER B 30 -6.47 2.46 33.48
N PRO B 31 -7.24 1.38 33.74
CA PRO B 31 -6.71 0.03 33.47
C PRO B 31 -6.87 -0.41 32.01
N VAL B 32 -7.53 0.44 31.19
CA VAL B 32 -7.79 0.26 29.76
C VAL B 32 -7.20 1.45 28.94
N ALA B 33 -6.14 2.09 29.50
CA ALA B 33 -5.45 3.25 28.93
C ALA B 33 -4.85 2.96 27.55
N LEU B 34 -5.06 3.89 26.61
CA LEU B 34 -4.58 3.80 25.23
C LEU B 34 -3.10 4.18 25.12
N GLU B 35 -2.32 3.36 24.39
CA GLU B 35 -0.89 3.57 24.19
C GLU B 35 -0.57 4.09 22.79
N ARG B 36 -0.97 3.33 21.75
CA ARG B 36 -0.70 3.66 20.35
C ARG B 36 -1.84 3.16 19.45
N ILE B 37 -2.27 4.01 18.50
CA ILE B 37 -3.31 3.69 17.53
C ILE B 37 -2.67 3.70 16.14
N ARG B 38 -2.67 2.54 15.47
CA ARG B 38 -2.07 2.38 14.14
C ARG B 38 -3.12 2.31 13.05
N ASN B 39 -3.02 3.22 12.06
CA ASN B 39 -3.93 3.32 10.92
C ASN B 39 -3.18 3.19 9.58
N GLU B 40 -2.19 2.28 9.54
CA GLU B 40 -1.34 2.01 8.38
C GLU B 40 -2.05 1.19 7.30
N ALA B 41 -3.07 0.40 7.68
CA ALA B 41 -3.84 -0.45 6.77
C ALA B 41 -4.75 0.39 5.87
N THR B 42 -4.66 0.16 4.54
CA THR B 42 -5.44 0.89 3.55
C THR B 42 -6.93 0.48 3.52
N ASP B 43 -7.26 -0.74 3.97
CA ASP B 43 -8.64 -1.24 4.02
C ASP B 43 -9.51 -0.56 5.09
N GLY B 44 -8.86 -0.01 6.13
CA GLY B 44 -9.54 0.69 7.20
C GLY B 44 -9.34 0.12 8.60
N THR B 45 -8.78 -1.11 8.70
CA THR B 45 -8.53 -1.81 9.96
C THR B 45 -7.53 -1.05 10.85
N LEU B 46 -7.87 -0.90 12.15
CA LEU B 46 -7.05 -0.19 13.13
C LEU B 46 -6.36 -1.16 14.09
N LYS B 47 -5.08 -0.89 14.41
CA LYS B 47 -4.31 -1.68 15.36
C LYS B 47 -4.15 -0.85 16.64
N ILE B 48 -5.04 -1.10 17.61
CA ILE B 48 -5.13 -0.38 18.88
C ILE B 48 -4.32 -1.09 19.99
N GLN B 49 -3.45 -0.34 20.71
CA GLN B 49 -2.64 -0.85 21.81
C GLN B 49 -3.18 -0.31 23.14
N VAL B 50 -3.46 -1.21 24.10
CA VAL B 50 -3.98 -0.88 25.43
C VAL B 50 -3.12 -1.43 26.58
N SER B 51 -3.31 -0.89 27.80
CA SER B 51 -2.58 -1.29 28.99
C SER B 51 -2.93 -2.70 29.51
N LEU B 52 -4.17 -3.17 29.28
CA LEU B 52 -4.62 -4.50 29.69
C LEU B 52 -4.31 -5.60 28.64
N GLN B 53 -4.51 -6.87 29.02
CA GLN B 53 -4.27 -8.03 28.16
C GLN B 53 -5.55 -8.85 27.94
N ILE B 54 -5.92 -9.07 26.65
CA ILE B 54 -7.13 -9.80 26.25
C ILE B 54 -6.78 -11.22 25.79
N GLY B 55 -7.54 -12.19 26.28
CA GLY B 55 -7.38 -13.61 25.95
C GLY B 55 -6.54 -14.39 26.94
N ILE B 56 -6.07 -13.72 28.00
CA ILE B 56 -5.23 -14.32 29.05
C ILE B 56 -5.86 -14.10 30.43
N LYS B 57 -5.86 -15.15 31.27
CA LYS B 57 -6.37 -15.12 32.64
C LYS B 57 -5.24 -14.77 33.63
N THR B 58 -5.60 -14.47 34.89
CA THR B 58 -4.66 -14.11 35.97
C THR B 58 -3.64 -15.21 36.29
N ASP B 59 -4.01 -16.49 36.05
CA ASP B 59 -3.16 -17.66 36.25
C ASP B 59 -2.24 -17.93 35.05
N ASP B 60 -2.24 -17.00 34.05
CA ASP B 60 -1.46 -16.98 32.80
C ASP B 60 -1.97 -17.92 31.69
N SER B 61 -3.05 -18.69 31.96
CA SER B 61 -3.64 -19.61 30.99
C SER B 61 -4.48 -18.86 29.95
N HIS B 62 -4.43 -19.32 28.68
CA HIS B 62 -5.16 -18.72 27.56
C HIS B 62 -6.65 -19.06 27.60
N ASP B 63 -7.51 -18.02 27.47
CA ASP B 63 -8.97 -18.12 27.47
C ASP B 63 -9.54 -16.89 26.73
N TRP B 64 -10.05 -17.10 25.51
CA TRP B 64 -10.61 -16.04 24.65
C TRP B 64 -11.82 -15.30 25.24
N THR B 65 -12.61 -15.98 26.10
CA THR B 65 -13.80 -15.40 26.75
C THR B 65 -13.47 -14.51 27.96
N LYS B 66 -12.18 -14.44 28.36
CA LYS B 66 -11.71 -13.66 29.51
C LYS B 66 -10.58 -12.69 29.14
N LEU B 67 -10.46 -11.59 29.91
CA LEU B 67 -9.41 -10.58 29.76
C LEU B 67 -8.91 -10.12 31.14
N ARG B 68 -7.59 -9.87 31.27
CA ARG B 68 -7.02 -9.44 32.55
C ARG B 68 -6.61 -7.97 32.58
N TYR B 69 -7.06 -7.27 33.63
CA TYR B 69 -6.79 -5.84 33.88
C TYR B 69 -6.16 -5.68 35.27
N MET B 70 -5.45 -4.55 35.49
CA MET B 70 -4.83 -4.26 36.79
C MET B 70 -5.85 -3.60 37.72
N ASP B 71 -6.21 -4.30 38.81
CA ASP B 71 -7.17 -3.82 39.81
C ASP B 71 -6.41 -3.34 41.06
N ASN B 72 -6.28 -2.00 41.19
CA ASN B 72 -5.58 -1.32 42.28
C ASN B 72 -4.09 -1.68 42.37
N HIS B 73 -3.75 -2.88 42.90
CA HIS B 73 -2.38 -3.36 43.03
C HIS B 73 -2.17 -4.77 42.47
N MET B 74 -3.26 -5.56 42.35
CA MET B 74 -3.24 -6.94 41.85
C MET B 74 -4.05 -7.12 40.54
N PRO B 75 -3.59 -7.96 39.58
CA PRO B 75 -4.39 -8.17 38.35
C PRO B 75 -5.66 -8.99 38.61
N ALA B 76 -6.77 -8.62 37.94
CA ALA B 76 -8.07 -9.28 38.08
C ALA B 76 -8.66 -9.68 36.72
N ASP B 77 -9.58 -10.67 36.72
CA ASP B 77 -10.25 -11.17 35.51
C ASP B 77 -11.54 -10.42 35.18
N ALA B 78 -11.82 -10.25 33.88
CA ALA B 78 -13.00 -9.58 33.35
C ALA B 78 -13.51 -10.28 32.08
N GLU B 79 -14.82 -10.13 31.76
CA GLU B 79 -15.46 -10.75 30.61
C GLU B 79 -15.10 -10.06 29.29
N ARG B 80 -14.92 -10.87 28.21
CA ARG B 80 -14.59 -10.42 26.86
C ARG B 80 -15.78 -9.70 26.21
N ALA B 81 -17.02 -10.16 26.49
CA ALA B 81 -18.27 -9.59 25.97
C ALA B 81 -18.47 -8.11 26.33
N GLY B 82 -17.96 -7.70 27.50
CA GLY B 82 -18.03 -6.34 27.99
C GLY B 82 -17.12 -5.34 27.29
N LEU B 83 -16.09 -5.84 26.56
CA LEU B 83 -15.13 -5.02 25.83
C LEU B 83 -15.77 -4.35 24.62
N PHE B 84 -15.62 -3.02 24.51
CA PHE B 84 -16.19 -2.22 23.42
C PHE B 84 -15.26 -1.15 22.88
N VAL B 85 -15.30 -0.94 21.55
CA VAL B 85 -14.52 0.07 20.82
C VAL B 85 -15.53 0.96 20.07
N ARG B 86 -15.36 2.30 20.14
CA ARG B 86 -16.24 3.26 19.48
C ARG B 86 -15.57 4.59 19.10
N THR B 87 -16.08 5.25 18.06
CA THR B 87 -15.61 6.56 17.58
C THR B 87 -16.74 7.58 17.74
N SER B 88 -17.72 7.56 16.81
CA SER B 88 -18.92 8.38 16.80
C SER B 88 -20.12 7.44 16.93
N ALA B 89 -19.89 6.17 16.54
CA ALA B 89 -20.82 5.03 16.58
C ALA B 89 -20.01 3.78 16.97
N PRO B 90 -20.62 2.69 17.52
CA PRO B 90 -19.81 1.51 17.90
C PRO B 90 -19.07 0.81 16.76
N CYS B 91 -17.84 0.34 17.04
CA CYS B 91 -16.97 -0.34 16.07
C CYS B 91 -17.19 -1.85 16.04
N THR B 92 -16.80 -2.49 14.91
CA THR B 92 -16.91 -3.93 14.71
C THR B 92 -15.56 -4.58 15.08
N ILE B 93 -15.55 -5.38 16.16
CA ILE B 93 -14.36 -6.07 16.66
C ILE B 93 -14.00 -7.28 15.77
N THR B 94 -12.73 -7.39 15.36
CA THR B 94 -12.26 -8.47 14.48
C THR B 94 -11.18 -9.38 15.07
N GLY B 95 -10.28 -8.82 15.88
CA GLY B 95 -9.18 -9.56 16.49
C GLY B 95 -8.75 -9.02 17.85
N THR B 96 -8.56 -9.92 18.83
CA THR B 96 -8.13 -9.60 20.19
C THR B 96 -7.16 -10.63 20.76
N MET B 97 -5.92 -10.20 21.08
CA MET B 97 -4.85 -11.01 21.67
C MET B 97 -3.81 -10.12 22.35
N GLY B 98 -3.71 -10.24 23.67
CA GLY B 98 -2.79 -9.47 24.50
C GLY B 98 -3.17 -8.01 24.60
N HIS B 99 -2.17 -7.12 24.44
CA HIS B 99 -2.34 -5.67 24.51
C HIS B 99 -2.99 -5.08 23.23
N PHE B 100 -3.22 -5.91 22.20
CA PHE B 100 -3.74 -5.45 20.91
C PHE B 100 -5.19 -5.74 20.55
N ILE B 101 -5.81 -4.80 19.82
CA ILE B 101 -7.21 -4.81 19.37
C ILE B 101 -7.31 -4.47 17.88
N LEU B 102 -8.12 -5.25 17.13
CA LEU B 102 -8.40 -5.01 15.71
C LEU B 102 -9.87 -4.62 15.58
N ALA B 103 -10.13 -3.43 15.01
CA ALA B 103 -11.51 -2.93 14.84
C ALA B 103 -11.72 -2.09 13.59
N ARG B 104 -12.92 -2.24 12.98
CA ARG B 104 -13.36 -1.49 11.81
C ARG B 104 -14.32 -0.41 12.32
N CYS B 105 -13.88 0.86 12.26
CA CYS B 105 -14.59 2.01 12.79
C CYS B 105 -15.15 2.98 11.73
N PRO B 106 -16.33 3.60 11.97
CA PRO B 106 -16.83 4.60 11.00
C PRO B 106 -16.15 5.97 11.21
N LYS B 107 -16.50 6.97 10.36
CA LYS B 107 -15.95 8.32 10.44
C LYS B 107 -16.18 8.98 11.81
N GLY B 108 -15.09 9.27 12.51
CA GLY B 108 -15.10 9.87 13.84
C GLY B 108 -13.92 10.77 14.12
N GLU B 109 -14.03 11.60 15.18
CA GLU B 109 -12.99 12.55 15.60
C GLU B 109 -12.22 12.09 16.85
N THR B 110 -12.82 11.19 17.65
CA THR B 110 -12.22 10.62 18.88
C THR B 110 -12.31 9.10 18.86
N LEU B 111 -11.62 8.41 19.79
CA LEU B 111 -11.64 6.94 19.91
C LEU B 111 -11.72 6.51 21.37
N THR B 112 -12.72 5.67 21.68
CA THR B 112 -12.98 5.15 23.03
C THR B 112 -12.85 3.62 23.07
N VAL B 113 -12.11 3.10 24.06
CA VAL B 113 -11.91 1.67 24.29
C VAL B 113 -12.29 1.40 25.75
N GLY B 114 -13.38 0.66 25.95
CA GLY B 114 -13.91 0.34 27.27
C GLY B 114 -14.18 -1.13 27.54
N PHE B 115 -14.45 -1.45 28.82
CA PHE B 115 -14.76 -2.81 29.31
C PHE B 115 -15.49 -2.76 30.66
N THR B 116 -16.10 -3.90 31.07
CA THR B 116 -16.79 -4.05 32.34
C THR B 116 -16.05 -5.08 33.19
N ASP B 117 -15.63 -4.69 34.41
CA ASP B 117 -14.86 -5.52 35.34
C ASP B 117 -15.71 -6.58 36.09
N SER B 118 -15.16 -7.14 37.20
CA SER B 118 -15.83 -8.15 38.06
C SER B 118 -17.14 -7.56 38.60
N ARG B 119 -17.07 -6.33 39.13
CA ARG B 119 -18.21 -5.54 39.60
C ARG B 119 -18.75 -4.84 38.35
N LYS B 120 -20.08 -4.67 38.22
CA LYS B 120 -20.64 -4.02 37.03
C LYS B 120 -20.45 -2.50 36.99
N ILE B 121 -19.19 -2.08 36.76
CA ILE B 121 -18.73 -0.69 36.65
C ILE B 121 -17.97 -0.56 35.32
N SER B 122 -18.33 0.44 34.49
CA SER B 122 -17.70 0.64 33.19
C SER B 122 -16.45 1.52 33.27
N HIS B 123 -15.32 1.00 32.73
CA HIS B 123 -14.03 1.69 32.66
C HIS B 123 -13.71 1.93 31.18
N SER B 124 -13.54 3.20 30.80
CA SER B 124 -13.24 3.58 29.42
C SER B 124 -12.11 4.61 29.30
N CYS B 125 -11.48 4.70 28.11
CA CYS B 125 -10.41 5.65 27.81
C CYS B 125 -10.63 6.29 26.46
N THR B 126 -10.73 7.63 26.43
CA THR B 126 -10.95 8.41 25.20
C THR B 126 -9.73 9.23 24.82
N HIS B 127 -9.31 9.13 23.54
CA HIS B 127 -8.17 9.85 22.96
C HIS B 127 -8.61 10.58 21.69
N PRO B 128 -8.10 11.81 21.41
CA PRO B 128 -8.49 12.50 20.17
C PRO B 128 -7.72 11.92 18.98
N PHE B 129 -8.43 11.15 18.14
CA PHE B 129 -7.87 10.49 16.96
C PHE B 129 -8.79 10.68 15.74
N HIS B 130 -8.30 11.43 14.73
CA HIS B 130 -9.03 11.70 13.49
C HIS B 130 -9.09 10.43 12.63
N HIS B 131 -10.28 9.80 12.58
CA HIS B 131 -10.51 8.58 11.82
C HIS B 131 -11.41 8.81 10.61
N ASP B 132 -10.83 8.65 9.42
CA ASP B 132 -11.48 8.78 8.12
C ASP B 132 -10.67 7.92 7.14
N PRO B 133 -10.98 6.60 7.02
CA PRO B 133 -10.19 5.75 6.11
C PRO B 133 -10.35 6.11 4.63
N PRO B 134 -9.26 6.06 3.83
CA PRO B 134 -9.38 6.42 2.40
C PRO B 134 -10.16 5.38 1.58
N VAL B 135 -10.73 5.84 0.45
CA VAL B 135 -11.51 4.98 -0.45
C VAL B 135 -10.61 4.02 -1.25
N ILE B 136 -10.97 2.73 -1.29
CA ILE B 136 -10.27 1.70 -2.05
C ILE B 136 -10.97 1.59 -3.39
N GLY B 137 -10.27 1.99 -4.45
CA GLY B 137 -10.78 2.01 -5.80
C GLY B 137 -11.32 3.37 -6.19
N ARG B 138 -12.49 3.39 -6.85
CA ARG B 138 -13.12 4.63 -7.32
C ARG B 138 -14.61 4.74 -6.93
N GLU B 139 -15.11 3.82 -6.09
CA GLU B 139 -16.50 3.79 -5.63
C GLU B 139 -16.60 3.76 -4.10
N LYS B 140 -17.43 4.66 -3.53
CA LYS B 140 -17.64 4.77 -2.07
C LYS B 140 -18.81 3.87 -1.63
N PHE B 141 -18.52 2.57 -1.48
CA PHE B 141 -19.49 1.54 -1.07
C PHE B 141 -19.52 1.32 0.44
N HIS B 142 -20.64 0.77 0.94
CA HIS B 142 -20.85 0.50 2.37
C HIS B 142 -20.52 -0.95 2.76
N SER B 143 -21.15 -1.93 2.09
CA SER B 143 -20.96 -3.37 2.36
C SER B 143 -19.92 -4.01 1.43
N ARG B 144 -19.12 -4.97 1.95
CA ARG B 144 -18.10 -5.67 1.17
C ARG B 144 -18.69 -6.76 0.25
N PRO B 145 -18.34 -6.77 -1.06
CA PRO B 145 -18.90 -7.79 -1.96
C PRO B 145 -18.09 -9.09 -2.04
N GLN B 146 -18.76 -10.18 -2.44
CA GLN B 146 -18.14 -11.51 -2.61
C GLN B 146 -17.36 -11.59 -3.93
N HIS B 147 -17.91 -10.96 -4.99
CA HIS B 147 -17.33 -10.89 -6.33
C HIS B 147 -17.09 -9.45 -6.74
N GLY B 148 -15.93 -9.18 -7.33
CA GLY B 148 -15.54 -7.86 -7.80
C GLY B 148 -14.11 -7.75 -8.28
N LYS B 149 -13.69 -6.52 -8.61
CA LYS B 149 -12.34 -6.20 -9.09
C LYS B 149 -11.32 -6.36 -7.96
N GLU B 150 -10.22 -7.07 -8.24
CA GLU B 150 -9.15 -7.33 -7.27
C GLU B 150 -8.12 -6.20 -7.33
N LEU B 151 -8.00 -5.45 -6.21
CA LEU B 151 -7.06 -4.32 -6.09
C LEU B 151 -6.11 -4.48 -4.90
N PRO B 152 -4.83 -4.00 -5.01
CA PRO B 152 -3.90 -4.14 -3.88
C PRO B 152 -4.25 -3.25 -2.69
N CYS B 153 -4.27 -3.86 -1.49
CA CYS B 153 -4.57 -3.20 -0.22
C CYS B 153 -3.81 -3.86 0.93
N SER B 154 -3.69 -3.17 2.07
CA SER B 154 -3.01 -3.69 3.26
C SER B 154 -3.95 -3.82 4.45
N THR B 155 -3.74 -4.86 5.27
CA THR B 155 -4.52 -5.15 6.48
C THR B 155 -3.68 -5.87 7.55
N TYR B 156 -4.13 -5.81 8.81
CA TYR B 156 -3.47 -6.52 9.91
C TYR B 156 -4.15 -7.88 9.98
N VAL B 157 -3.39 -8.95 9.66
CA VAL B 157 -3.89 -10.34 9.63
C VAL B 157 -4.45 -10.79 10.98
N GLN B 158 -5.65 -11.40 10.96
CA GLN B 158 -6.36 -11.88 12.15
C GLN B 158 -5.68 -13.07 12.86
N SER B 159 -4.52 -13.53 12.35
CA SER B 159 -3.74 -14.63 12.91
C SER B 159 -3.17 -14.24 14.28
N THR B 160 -3.46 -15.06 15.30
CA THR B 160 -3.03 -14.83 16.68
C THR B 160 -1.52 -14.98 16.91
N ALA B 161 -0.82 -15.74 16.03
CA ALA B 161 0.62 -15.99 16.08
C ALA B 161 1.44 -14.72 15.92
N ALA B 162 2.47 -14.57 16.77
CA ALA B 162 3.38 -13.41 16.77
C ALA B 162 4.77 -13.86 16.30
N THR B 163 5.20 -13.37 15.11
CA THR B 163 6.48 -13.73 14.50
C THR B 163 7.29 -12.57 13.91
N THR B 164 6.62 -11.48 13.46
CA THR B 164 7.29 -10.35 12.81
C THR B 164 7.55 -9.13 13.72
N GLU B 165 6.50 -8.31 13.97
CA GLU B 165 6.55 -7.08 14.76
C GLU B 165 6.85 -7.31 16.26
N GLU B 166 7.43 -6.28 16.93
CA GLU B 166 7.82 -6.35 18.35
C GLU B 166 7.66 -5.02 19.13
N ILE B 167 7.60 -5.11 20.48
CA ILE B 167 7.52 -3.99 21.42
C ILE B 167 8.59 -4.12 22.52
N GLU B 168 8.97 -3.00 23.16
CA GLU B 168 9.96 -2.99 24.24
C GLU B 168 9.29 -3.20 25.60
N VAL B 169 9.86 -4.11 26.42
CA VAL B 169 9.37 -4.45 27.76
C VAL B 169 10.47 -4.35 28.83
N HIS B 170 10.14 -3.80 30.01
CA HIS B 170 11.06 -3.66 31.14
C HIS B 170 10.38 -3.88 32.49
N MET B 171 11.16 -3.85 33.59
CA MET B 171 10.65 -4.04 34.94
C MET B 171 9.83 -2.82 35.41
N PRO B 172 8.65 -3.03 36.06
CA PRO B 172 7.83 -1.90 36.51
C PRO B 172 8.48 -1.03 37.59
N PRO B 173 8.13 0.28 37.68
CA PRO B 173 8.74 1.12 38.74
C PRO B 173 8.15 0.84 40.12
N ASP B 174 8.70 1.49 41.17
CA ASP B 174 8.25 1.34 42.54
C ASP B 174 6.83 1.91 42.70
N THR B 175 5.86 1.01 42.96
CA THR B 175 4.43 1.35 43.10
C THR B 175 4.16 2.03 44.46
N PRO B 176 3.76 3.33 44.48
CA PRO B 176 3.49 3.98 45.77
C PRO B 176 2.20 3.51 46.42
N ASP B 177 2.24 3.24 47.73
CA ASP B 177 1.09 2.76 48.50
C ASP B 177 1.09 3.37 49.90
N ARG B 178 0.06 4.20 50.19
CA ARG B 178 -0.09 4.89 51.48
C ARG B 178 -0.60 3.98 52.59
N THR B 179 -1.23 2.85 52.23
CA THR B 179 -1.78 1.87 53.19
C THR B 179 -0.70 1.09 53.95
N LEU B 180 0.56 1.11 53.44
CA LEU B 180 1.72 0.45 54.06
C LEU B 180 2.09 1.08 55.40
N MET B 181 1.90 2.41 55.51
CA MET B 181 2.21 3.20 56.71
C MET B 181 0.99 3.36 57.60
N SER B 182 1.19 3.21 58.92
CA SER B 182 0.15 3.35 59.93
C SER B 182 0.67 4.09 61.17
N GLN B 183 -0.22 4.84 61.86
CA GLN B 183 0.12 5.59 63.06
C GLN B 183 0.05 4.69 64.30
N GLN B 184 1.22 4.25 64.78
CA GLN B 184 1.35 3.40 65.97
C GLN B 184 1.59 4.31 67.18
N SER B 185 0.49 4.69 67.87
CA SER B 185 0.41 5.59 69.03
C SER B 185 0.84 7.03 68.69
N GLY B 186 2.12 7.21 68.35
CA GLY B 186 2.70 8.48 67.97
C GLY B 186 3.95 8.31 67.12
N ASN B 187 4.07 7.13 66.48
CA ASN B 187 5.19 6.74 65.62
C ASN B 187 4.68 6.11 64.32
N VAL B 188 5.57 5.99 63.31
CA VAL B 188 5.22 5.42 62.00
C VAL B 188 5.54 3.92 61.99
N LYS B 189 4.54 3.09 61.61
CA LYS B 189 4.66 1.64 61.51
C LYS B 189 4.48 1.24 60.04
N ILE B 190 5.52 0.60 59.46
CA ILE B 190 5.53 0.14 58.08
C ILE B 190 5.31 -1.39 58.07
N THR B 191 4.15 -1.83 57.54
CA THR B 191 3.82 -3.26 57.46
C THR B 191 4.15 -3.75 56.04
N VAL B 192 5.24 -4.53 55.93
CA VAL B 192 5.79 -5.10 54.70
C VAL B 192 4.82 -6.03 53.94
N ASN B 193 4.13 -6.93 54.67
CA ASN B 193 3.16 -7.92 54.14
C ASN B 193 3.73 -8.82 53.03
N GLY B 194 4.95 -9.30 53.24
CA GLY B 194 5.66 -10.18 52.32
C GLY B 194 6.08 -9.54 51.02
N GLN B 195 6.34 -8.22 51.04
CA GLN B 195 6.73 -7.42 49.87
C GLN B 195 7.99 -6.60 50.18
N THR B 196 8.84 -6.39 49.16
CA THR B 196 10.06 -5.58 49.31
C THR B 196 9.65 -4.10 49.21
N VAL B 197 9.69 -3.39 50.35
CA VAL B 197 9.28 -1.99 50.48
C VAL B 197 10.46 -1.01 50.55
N ARG B 198 10.41 0.04 49.71
CA ARG B 198 11.39 1.13 49.66
C ARG B 198 10.74 2.34 50.35
N TYR B 199 11.33 2.78 51.48
CA TYR B 199 10.78 3.89 52.27
C TYR B 199 11.74 5.08 52.43
N LYS B 200 11.18 6.26 52.80
CA LYS B 200 11.90 7.51 53.06
C LYS B 200 11.07 8.40 53.98
N CYS B 201 11.66 8.80 55.12
CA CYS B 201 11.02 9.65 56.14
C CYS B 201 11.71 10.99 56.34
N ASN B 202 10.95 12.01 56.76
CA ASN B 202 11.46 13.37 57.02
C ASN B 202 11.90 13.52 58.50
N CYS B 203 12.42 12.43 59.08
CA CYS B 203 12.90 12.35 60.47
C CYS B 203 14.33 11.80 60.54
N GLY B 204 14.92 11.83 61.74
CA GLY B 204 16.27 11.35 61.99
C GLY B 204 16.41 9.83 62.08
N GLY B 205 17.65 9.37 62.17
CA GLY B 205 18.00 7.96 62.27
C GLY B 205 17.87 7.21 60.96
N SER B 206 17.28 6.00 61.01
CA SER B 206 17.07 5.13 59.85
C SER B 206 15.83 5.61 59.08
N ASN B 207 15.96 6.73 58.37
CA ASN B 207 14.88 7.36 57.59
C ASN B 207 14.57 6.67 56.28
N GLU B 208 15.61 6.22 55.54
CA GLU B 208 15.42 5.56 54.25
C GLU B 208 16.09 4.17 54.16
N GLY B 209 15.83 3.47 53.06
CA GLY B 209 16.37 2.14 52.78
C GLY B 209 15.39 1.20 52.12
N LEU B 210 15.90 0.03 51.69
CA LEU B 210 15.12 -1.02 51.05
C LEU B 210 14.89 -2.16 52.06
N THR B 211 13.66 -2.29 52.57
CA THR B 211 13.31 -3.30 53.57
C THR B 211 12.46 -4.47 53.05
N THR B 212 12.69 -5.64 53.64
CA THR B 212 11.97 -6.89 53.36
C THR B 212 11.22 -7.35 54.61
N THR B 213 11.36 -6.60 55.72
CA THR B 213 10.75 -6.85 57.03
C THR B 213 10.08 -5.58 57.59
N ASP B 214 9.17 -5.74 58.58
CA ASP B 214 8.45 -4.65 59.24
C ASP B 214 9.39 -3.72 60.00
N LYS B 215 9.21 -2.39 59.84
CA LYS B 215 10.03 -1.37 60.48
C LYS B 215 9.20 -0.34 61.24
N VAL B 216 9.77 0.22 62.33
CA VAL B 216 9.14 1.24 63.16
C VAL B 216 10.01 2.51 63.19
N ILE B 217 9.44 3.63 62.73
CA ILE B 217 10.12 4.94 62.70
C ILE B 217 9.70 5.74 63.93
N ASN B 218 10.65 5.96 64.86
CA ASN B 218 10.42 6.69 66.10
C ASN B 218 10.41 8.21 65.92
N ASN B 219 9.51 8.89 66.66
CA ASN B 219 9.31 10.35 66.69
C ASN B 219 9.02 10.95 65.29
N CYS B 220 8.10 10.31 64.55
CA CYS B 220 7.71 10.72 63.20
C CYS B 220 6.20 10.64 62.95
N LYS B 221 5.69 11.46 62.01
CA LYS B 221 4.29 11.51 61.62
C LYS B 221 4.10 10.80 60.26
N VAL B 222 2.89 10.25 60.02
CA VAL B 222 2.52 9.52 58.80
C VAL B 222 2.65 10.35 57.50
N ASP B 223 2.37 11.68 57.58
CA ASP B 223 2.46 12.61 56.46
C ASP B 223 3.92 12.92 56.07
N GLN B 224 4.86 12.71 57.01
CA GLN B 224 6.30 12.95 56.82
C GLN B 224 7.04 11.80 56.12
N CYS B 225 6.36 10.65 55.91
CA CYS B 225 6.95 9.47 55.28
C CYS B 225 6.34 9.11 53.93
N HIS B 226 7.14 8.43 53.08
CA HIS B 226 6.76 7.96 51.74
C HIS B 226 7.21 6.51 51.59
N ALA B 227 6.28 5.62 51.21
CA ALA B 227 6.54 4.18 51.02
C ALA B 227 6.10 3.67 49.66
N ALA B 228 6.89 2.74 49.08
CA ALA B 228 6.62 2.14 47.76
C ALA B 228 7.02 0.66 47.67
N VAL B 229 6.23 -0.13 46.91
CA VAL B 229 6.46 -1.57 46.69
C VAL B 229 7.27 -1.75 45.40
N THR B 230 8.36 -2.55 45.46
CA THR B 230 9.23 -2.82 44.31
C THR B 230 8.76 -4.03 43.51
N ASN B 231 8.66 -3.87 42.17
CA ASN B 231 8.23 -4.94 41.26
C ASN B 231 9.40 -5.35 40.35
N HIS B 232 10.13 -6.41 40.76
CA HIS B 232 11.29 -6.93 40.03
C HIS B 232 11.02 -8.33 39.46
N LYS B 233 9.89 -8.95 39.85
CA LYS B 233 9.49 -10.29 39.42
C LYS B 233 8.73 -10.37 38.10
N LYS B 234 8.06 -9.27 37.69
CA LYS B 234 7.26 -9.22 36.46
C LYS B 234 7.82 -8.26 35.39
N TRP B 235 7.28 -8.33 34.17
CA TRP B 235 7.65 -7.49 33.02
C TRP B 235 6.49 -6.57 32.63
N GLN B 236 6.82 -5.42 32.02
CA GLN B 236 5.83 -4.40 31.61
C GLN B 236 6.31 -3.62 30.38
N TYR B 237 5.38 -3.23 29.50
CA TYR B 237 5.66 -2.45 28.28
C TYR B 237 6.34 -1.11 28.58
N ASN B 238 7.29 -0.70 27.71
CA ASN B 238 8.02 0.56 27.82
C ASN B 238 7.08 1.72 27.46
N SER B 239 6.15 2.01 28.38
CA SER B 239 5.11 3.03 28.23
C SER B 239 5.57 4.43 28.63
N PRO B 240 5.30 5.46 27.79
CA PRO B 240 5.67 6.83 28.18
C PRO B 240 4.70 7.41 29.23
N LEU B 241 3.60 6.69 29.50
CA LEU B 241 2.55 7.03 30.47
C LEU B 241 2.86 6.45 31.87
N VAL B 242 3.92 5.62 31.96
CA VAL B 242 4.39 4.95 33.18
C VAL B 242 5.84 5.42 33.44
N PRO B 243 6.24 5.80 34.68
CA PRO B 243 7.63 6.25 34.90
C PRO B 243 8.67 5.13 34.78
N ARG B 244 9.92 5.51 34.48
CA ARG B 244 11.05 4.59 34.34
C ARG B 244 11.51 4.11 35.72
N ASN B 245 12.08 2.89 35.80
CA ASN B 245 12.59 2.33 37.05
C ASN B 245 13.87 3.08 37.45
N ALA B 246 13.88 3.64 38.67
CA ALA B 246 14.98 4.43 39.20
C ALA B 246 16.29 3.66 39.44
N GLU B 247 16.20 2.41 39.92
CA GLU B 247 17.37 1.57 40.23
C GLU B 247 18.13 1.12 38.98
N LEU B 248 17.44 0.48 38.01
CA LEU B 248 18.06 0.02 36.76
C LEU B 248 18.16 1.11 35.70
N GLY B 249 19.23 1.08 34.91
CA GLY B 249 19.48 2.05 33.84
C GLY B 249 18.61 1.82 32.62
N ASP B 250 19.26 1.48 31.49
CA ASP B 250 18.59 1.21 30.21
C ASP B 250 18.34 -0.29 29.98
N ARG B 251 18.05 -1.04 31.06
CA ARG B 251 17.78 -2.47 31.04
C ARG B 251 16.41 -2.72 30.41
N LYS B 252 16.40 -3.25 29.17
CA LYS B 252 15.19 -3.53 28.40
C LYS B 252 15.17 -4.92 27.78
N GLY B 253 13.97 -5.40 27.47
CA GLY B 253 13.68 -6.66 26.82
C GLY B 253 12.70 -6.45 25.69
N LYS B 254 12.48 -7.46 24.84
CA LYS B 254 11.54 -7.36 23.72
C LYS B 254 10.67 -8.59 23.53
N ILE B 255 9.40 -8.38 23.13
CA ILE B 255 8.42 -9.45 22.90
C ILE B 255 7.70 -9.29 21.56
N HIS B 256 7.47 -10.41 20.85
CA HIS B 256 6.78 -10.41 19.56
C HIS B 256 5.29 -10.10 19.75
N ILE B 257 4.73 -9.26 18.87
CA ILE B 257 3.33 -8.82 18.96
C ILE B 257 2.41 -9.39 17.86
N PRO B 258 1.15 -9.77 18.20
CA PRO B 258 0.26 -10.33 17.18
C PRO B 258 -0.30 -9.31 16.19
N PHE B 259 -0.95 -9.81 15.12
CA PHE B 259 -1.59 -9.06 14.02
C PHE B 259 -0.65 -8.12 13.23
N PRO B 260 0.38 -8.63 12.52
CA PRO B 260 1.25 -7.71 11.75
C PRO B 260 0.63 -7.28 10.42
N LEU B 261 1.12 -6.15 9.86
CA LEU B 261 0.65 -5.63 8.58
C LEU B 261 1.21 -6.44 7.42
N ALA B 262 0.33 -6.82 6.46
CA ALA B 262 0.69 -7.60 5.29
C ALA B 262 -0.13 -7.17 4.06
N ASN B 263 0.51 -7.18 2.88
CA ASN B 263 -0.12 -6.81 1.61
C ASN B 263 -1.08 -7.90 1.15
N VAL B 264 -2.36 -7.53 0.95
CA VAL B 264 -3.43 -8.43 0.53
C VAL B 264 -4.19 -7.91 -0.71
N THR B 265 -5.41 -8.43 -0.95
CA THR B 265 -6.29 -8.09 -2.07
C THR B 265 -7.67 -7.65 -1.53
N CYS B 266 -8.16 -6.49 -2.01
CA CYS B 266 -9.47 -5.96 -1.64
C CYS B 266 -10.42 -6.03 -2.84
N ARG B 267 -11.58 -6.69 -2.64
CA ARG B 267 -12.60 -6.86 -3.68
C ARG B 267 -13.54 -5.66 -3.68
N VAL B 268 -13.61 -4.96 -4.83
CA VAL B 268 -14.44 -3.76 -5.01
C VAL B 268 -15.55 -3.98 -6.05
N PRO B 269 -16.77 -3.46 -5.84
CA PRO B 269 -17.84 -3.66 -6.84
C PRO B 269 -17.73 -2.70 -8.02
N LYS B 270 -18.19 -3.15 -9.19
CA LYS B 270 -18.19 -2.35 -10.42
C LYS B 270 -19.59 -1.78 -10.63
N ALA B 271 -19.69 -0.44 -10.78
CA ALA B 271 -20.94 0.28 -10.99
C ALA B 271 -21.61 -0.16 -12.31
N ARG B 272 -22.96 -0.18 -12.33
CA ARG B 272 -23.72 -0.59 -13.51
C ARG B 272 -23.49 0.33 -14.71
N ASN B 273 -23.32 -0.27 -15.91
CA ASN B 273 -23.05 0.43 -17.17
C ASN B 273 -24.16 1.43 -17.53
N PRO B 274 -23.82 2.72 -17.75
CA PRO B 274 -24.87 3.71 -18.07
C PRO B 274 -25.36 3.62 -19.51
N THR B 275 -26.61 4.08 -19.74
CA THR B 275 -27.23 4.10 -21.07
C THR B 275 -26.53 5.18 -21.90
N VAL B 276 -25.91 4.76 -23.02
CA VAL B 276 -25.12 5.63 -23.90
C VAL B 276 -25.77 5.92 -25.26
N THR B 277 -25.80 7.21 -25.64
CA THR B 277 -26.33 7.73 -26.92
C THR B 277 -25.26 8.56 -27.62
N TYR B 278 -25.15 8.45 -28.96
CA TYR B 278 -24.12 9.15 -29.73
C TYR B 278 -24.62 10.32 -30.59
N GLY B 279 -23.70 11.23 -30.90
CA GLY B 279 -23.93 12.41 -31.73
C GLY B 279 -22.68 12.83 -32.49
N LYS B 280 -22.78 13.93 -33.28
CA LYS B 280 -21.67 14.46 -34.08
C LYS B 280 -20.53 14.95 -33.16
N ASN B 281 -19.45 14.13 -33.07
CA ASN B 281 -18.26 14.36 -32.22
C ASN B 281 -18.65 14.62 -30.75
N GLN B 282 -19.70 13.92 -30.27
CA GLN B 282 -20.27 14.06 -28.95
C GLN B 282 -20.82 12.74 -28.41
N VAL B 283 -20.64 12.50 -27.09
CA VAL B 283 -21.13 11.30 -26.41
C VAL B 283 -21.97 11.67 -25.17
N ILE B 284 -23.18 11.10 -25.07
CA ILE B 284 -24.11 11.36 -23.96
C ILE B 284 -24.30 10.11 -23.11
N MET B 285 -24.04 10.23 -21.79
CA MET B 285 -24.17 9.14 -20.83
C MET B 285 -25.18 9.50 -19.73
N LEU B 286 -26.15 8.61 -19.49
CA LEU B 286 -27.17 8.78 -18.46
C LEU B 286 -26.78 7.91 -17.27
N LEU B 287 -26.08 8.52 -16.30
CA LEU B 287 -25.54 7.86 -15.10
C LEU B 287 -26.59 7.61 -14.02
N TYR B 288 -26.53 6.40 -13.41
CA TYR B 288 -27.42 5.98 -12.33
C TYR B 288 -26.60 5.34 -11.18
N PRO B 289 -25.97 6.16 -10.30
CA PRO B 289 -25.17 5.57 -9.22
C PRO B 289 -25.98 5.18 -7.98
N ASP B 290 -25.61 4.04 -7.37
CA ASP B 290 -26.24 3.51 -6.15
C ASP B 290 -25.51 4.06 -4.92
N HIS B 291 -24.24 4.46 -5.12
CA HIS B 291 -23.31 5.00 -4.12
C HIS B 291 -22.34 5.99 -4.82
N PRO B 292 -21.63 6.91 -4.09
CA PRO B 292 -20.72 7.85 -4.79
C PRO B 292 -19.70 7.17 -5.71
N THR B 293 -19.73 7.53 -7.00
CA THR B 293 -18.90 6.95 -8.05
C THR B 293 -18.08 8.04 -8.78
N LEU B 294 -16.76 7.82 -8.91
CA LEU B 294 -15.83 8.74 -9.59
C LEU B 294 -15.98 8.60 -11.11
N LEU B 295 -16.15 9.75 -11.79
CA LEU B 295 -16.25 9.83 -13.25
C LEU B 295 -15.09 10.67 -13.76
N SER B 296 -14.18 10.04 -14.51
CA SER B 296 -12.99 10.68 -15.09
C SER B 296 -12.91 10.46 -16.60
N TYR B 297 -12.33 11.43 -17.32
CA TYR B 297 -12.17 11.37 -18.77
C TYR B 297 -10.95 12.12 -19.29
N ARG B 298 -10.39 11.64 -20.42
CA ARG B 298 -9.19 12.22 -21.05
C ARG B 298 -9.18 12.01 -22.57
N ASN B 299 -8.54 12.94 -23.30
CA ASN B 299 -8.38 12.85 -24.76
C ASN B 299 -7.15 12.01 -25.06
N MET B 300 -7.23 11.15 -26.09
CA MET B 300 -6.13 10.25 -26.48
C MET B 300 -5.18 10.87 -27.52
N GLY B 301 -4.78 12.12 -27.27
CA GLY B 301 -3.86 12.88 -28.11
C GLY B 301 -2.80 13.63 -27.33
N GLU B 302 -2.23 14.68 -27.96
CA GLU B 302 -1.17 15.52 -27.37
C GLU B 302 -1.67 16.30 -26.15
N GLU B 303 -2.93 16.80 -26.21
CA GLU B 303 -3.58 17.56 -25.14
C GLU B 303 -4.61 16.63 -24.47
N PRO B 304 -4.29 15.96 -23.34
CA PRO B 304 -5.26 15.04 -22.72
C PRO B 304 -6.42 15.75 -22.00
N ASN B 305 -6.13 16.86 -21.29
CA ASN B 305 -7.08 17.67 -20.52
C ASN B 305 -7.92 16.81 -19.57
N TYR B 306 -7.29 16.30 -18.51
CA TYR B 306 -7.92 15.44 -17.51
C TYR B 306 -8.92 16.20 -16.66
N GLN B 307 -10.14 15.64 -16.53
CA GLN B 307 -11.24 16.19 -15.73
C GLN B 307 -11.88 15.07 -14.92
N GLU B 308 -12.08 15.29 -13.61
CA GLU B 308 -12.69 14.32 -12.71
C GLU B 308 -13.80 14.91 -11.85
N GLU B 309 -14.86 14.10 -11.60
CA GLU B 309 -16.01 14.50 -10.78
C GLU B 309 -16.67 13.32 -10.07
N TRP B 310 -16.94 13.46 -8.77
CA TRP B 310 -17.60 12.44 -7.96
C TRP B 310 -19.11 12.55 -8.15
N VAL B 311 -19.70 11.62 -8.93
CA VAL B 311 -21.13 11.57 -9.21
C VAL B 311 -21.85 10.93 -8.01
N MET B 312 -22.83 11.66 -7.45
CA MET B 312 -23.59 11.23 -6.26
C MET B 312 -24.95 10.62 -6.60
N HIS B 313 -25.71 11.28 -7.51
CA HIS B 313 -27.04 10.82 -7.93
C HIS B 313 -27.23 10.89 -9.46
N LYS B 314 -28.49 10.74 -9.94
CA LYS B 314 -28.87 10.76 -11.36
C LYS B 314 -28.39 12.06 -12.05
N LYS B 315 -27.50 11.91 -13.05
CA LYS B 315 -26.91 13.02 -13.80
C LYS B 315 -26.63 12.63 -15.26
N GLU B 316 -26.91 13.57 -16.19
CA GLU B 316 -26.67 13.41 -17.62
C GLU B 316 -25.38 14.16 -17.97
N VAL B 317 -24.43 13.48 -18.63
CA VAL B 317 -23.15 14.08 -19.00
C VAL B 317 -22.93 14.19 -20.51
N VAL B 318 -22.57 15.40 -20.98
CA VAL B 318 -22.31 15.71 -22.39
C VAL B 318 -20.79 15.88 -22.55
N LEU B 319 -20.16 14.91 -23.25
CA LEU B 319 -18.71 14.87 -23.48
C LEU B 319 -18.38 14.98 -24.97
N THR B 320 -17.29 15.69 -25.31
CA THR B 320 -16.83 15.89 -26.69
C THR B 320 -15.84 14.80 -27.07
N VAL B 321 -16.00 14.21 -28.27
CA VAL B 321 -15.13 13.15 -28.79
C VAL B 321 -14.27 13.70 -29.95
N PRO B 322 -12.95 13.94 -29.75
CA PRO B 322 -12.11 14.43 -30.85
C PRO B 322 -11.62 13.30 -31.76
N THR B 323 -10.91 13.65 -32.86
CA THR B 323 -10.36 12.72 -33.85
C THR B 323 -9.38 11.70 -33.22
N GLU B 324 -8.57 12.15 -32.25
CA GLU B 324 -7.59 11.33 -31.52
C GLU B 324 -8.22 10.26 -30.62
N GLY B 325 -9.44 10.52 -30.16
CA GLY B 325 -10.19 9.62 -29.30
C GLY B 325 -10.41 10.13 -27.89
N LEU B 326 -11.40 9.55 -27.19
CA LEU B 326 -11.75 9.91 -25.81
C LEU B 326 -11.90 8.66 -24.94
N GLU B 327 -11.16 8.61 -23.81
CA GLU B 327 -11.19 7.52 -22.84
C GLU B 327 -12.00 7.97 -21.61
N VAL B 328 -13.06 7.21 -21.26
CA VAL B 328 -13.94 7.49 -20.13
C VAL B 328 -13.87 6.36 -19.11
N THR B 329 -13.66 6.70 -17.82
CA THR B 329 -13.58 5.73 -16.72
C THR B 329 -14.71 5.99 -15.72
N TRP B 330 -15.64 5.02 -15.59
CA TRP B 330 -16.79 5.10 -14.69
C TRP B 330 -16.62 4.12 -13.52
N GLY B 331 -16.09 4.64 -12.41
CA GLY B 331 -15.84 3.89 -11.19
C GLY B 331 -14.76 2.84 -11.33
N ASN B 332 -15.05 1.61 -10.85
CA ASN B 332 -14.14 0.47 -10.89
C ASN B 332 -14.18 -0.33 -12.21
N ASN B 333 -15.06 0.06 -13.14
CA ASN B 333 -15.18 -0.57 -14.46
C ASN B 333 -13.95 -0.28 -15.31
N GLU B 334 -13.66 -1.14 -16.29
CA GLU B 334 -12.54 -0.96 -17.22
C GLU B 334 -12.81 0.27 -18.11
N PRO B 335 -11.78 1.09 -18.45
CA PRO B 335 -12.04 2.31 -19.22
C PRO B 335 -12.65 2.12 -20.61
N TYR B 336 -13.78 2.83 -20.87
CA TYR B 336 -14.46 2.80 -22.17
C TYR B 336 -13.72 3.75 -23.11
N LYS B 337 -13.51 3.33 -24.36
CA LYS B 337 -12.83 4.15 -25.37
C LYS B 337 -13.78 4.52 -26.49
N TYR B 338 -13.77 5.80 -26.89
CA TYR B 338 -14.65 6.33 -27.93
C TYR B 338 -13.88 7.02 -29.06
N TRP B 339 -14.27 6.74 -30.32
CA TRP B 339 -13.67 7.30 -31.53
C TRP B 339 -14.76 7.75 -32.52
N PRO B 340 -14.62 8.90 -33.21
CA PRO B 340 -15.66 9.30 -34.18
C PRO B 340 -15.52 8.58 -35.51
N GLN B 341 -16.67 8.40 -36.22
CA GLN B 341 -16.74 7.74 -37.52
C GLN B 341 -16.09 8.56 -38.64
N LEU B 342 -15.79 7.90 -39.78
CA LEU B 342 -15.17 8.47 -40.99
C LEU B 342 -13.77 9.01 -40.73
N GLY C 21 19.25 -15.17 -50.37
CA GLY C 21 18.23 -16.16 -50.70
C GLY C 21 16.86 -15.76 -50.16
N GLY C 22 16.33 -14.61 -50.62
CA GLY C 22 15.03 -14.09 -50.20
C GLY C 22 14.73 -12.69 -50.75
N TYR C 23 13.78 -11.98 -50.09
CA TYR C 23 13.36 -10.64 -50.45
C TYR C 23 13.01 -9.84 -49.20
N GLU C 24 13.64 -8.67 -49.03
CA GLU C 24 13.42 -7.79 -47.88
C GLU C 24 12.33 -6.76 -48.21
N HIS C 25 11.21 -6.84 -47.48
CA HIS C 25 10.07 -5.93 -47.61
C HIS C 25 10.11 -4.94 -46.45
N VAL C 26 10.18 -3.64 -46.76
CA VAL C 26 10.21 -2.56 -45.78
C VAL C 26 8.90 -1.78 -45.86
N THR C 27 8.23 -1.58 -44.72
CA THR C 27 6.96 -0.87 -44.63
C THR C 27 6.84 -0.08 -43.32
N VAL C 28 6.05 1.01 -43.33
CA VAL C 28 5.83 1.86 -42.15
C VAL C 28 4.33 1.89 -41.82
N ILE C 29 4.00 1.55 -40.55
CA ILE C 29 2.62 1.55 -40.05
C ILE C 29 2.47 2.53 -38.87
N PRO C 30 1.28 3.15 -38.65
CA PRO C 30 1.15 4.07 -37.50
C PRO C 30 1.21 3.33 -36.16
N ASN C 31 1.80 3.97 -35.14
CA ASN C 31 1.94 3.39 -33.80
C ASN C 31 0.60 3.40 -33.05
N THR C 32 -0.31 2.52 -33.48
CA THR C 32 -1.66 2.35 -32.92
C THR C 32 -1.91 0.86 -32.69
N VAL C 33 -2.30 0.51 -31.46
CA VAL C 33 -2.58 -0.86 -31.01
C VAL C 33 -4.05 -1.25 -31.28
N GLY C 34 -4.23 -2.45 -31.83
CA GLY C 34 -5.54 -3.02 -32.11
C GLY C 34 -6.12 -2.75 -33.49
N VAL C 35 -5.26 -2.34 -34.45
CA VAL C 35 -5.69 -2.04 -35.82
C VAL C 35 -4.97 -2.96 -36.82
N PRO C 36 -5.69 -3.77 -37.64
CA PRO C 36 -5.00 -4.63 -38.60
C PRO C 36 -4.65 -3.87 -39.89
N TYR C 37 -3.35 -3.73 -40.18
CA TYR C 37 -2.85 -3.02 -41.36
C TYR C 37 -2.41 -3.99 -42.44
N LYS C 38 -2.79 -3.70 -43.70
CA LYS C 38 -2.45 -4.54 -44.86
C LYS C 38 -1.30 -3.95 -45.66
N THR C 39 -0.37 -4.81 -46.09
CA THR C 39 0.80 -4.42 -46.89
C THR C 39 1.00 -5.34 -48.09
N LEU C 40 1.24 -4.76 -49.27
CA LEU C 40 1.45 -5.51 -50.49
C LEU C 40 2.93 -5.74 -50.77
N VAL C 41 3.33 -7.02 -50.80
CA VAL C 41 4.70 -7.45 -51.09
C VAL C 41 4.75 -7.80 -52.58
N ASN C 42 5.57 -7.05 -53.33
CA ASN C 42 5.70 -7.25 -54.77
C ASN C 42 7.15 -7.45 -55.19
N ARG C 43 7.57 -8.72 -55.29
CA ARG C 43 8.91 -9.11 -55.71
C ARG C 43 8.87 -9.19 -57.25
N PRO C 44 9.71 -8.40 -57.98
CA PRO C 44 9.66 -8.42 -59.46
C PRO C 44 9.82 -9.81 -60.08
N GLY C 45 8.83 -10.19 -60.90
CA GLY C 45 8.77 -11.49 -61.57
C GLY C 45 8.04 -12.56 -60.79
N TYR C 46 7.66 -12.25 -59.53
CA TYR C 46 6.96 -13.17 -58.64
C TYR C 46 5.58 -12.63 -58.25
N SER C 47 4.59 -13.53 -58.14
CA SER C 47 3.19 -13.23 -57.80
C SER C 47 3.07 -12.43 -56.48
N PRO C 48 2.22 -11.38 -56.45
CA PRO C 48 2.11 -10.56 -55.22
C PRO C 48 1.66 -11.31 -53.97
N MET C 49 2.08 -10.80 -52.81
CA MET C 49 1.81 -11.36 -51.48
C MET C 49 1.23 -10.26 -50.57
N VAL C 50 0.19 -10.60 -49.80
CA VAL C 50 -0.47 -9.66 -48.88
C VAL C 50 -0.26 -10.14 -47.43
N LEU C 51 0.25 -9.24 -46.56
CA LEU C 51 0.48 -9.53 -45.15
C LEU C 51 -0.33 -8.59 -44.25
N GLU C 52 -1.04 -9.17 -43.27
CA GLU C 52 -1.83 -8.43 -42.29
C GLU C 52 -1.03 -8.30 -41.00
N MET C 53 -0.78 -7.06 -40.56
CA MET C 53 -0.02 -6.78 -39.34
C MET C 53 -0.85 -6.01 -38.33
N GLU C 54 -0.78 -6.43 -37.07
CA GLU C 54 -1.50 -5.80 -35.97
C GLU C 54 -0.60 -5.70 -34.74
N LEU C 55 -0.50 -4.48 -34.17
CA LEU C 55 0.31 -4.24 -32.97
C LEU C 55 -0.52 -4.68 -31.76
N LEU C 56 -0.03 -5.70 -31.05
CA LEU C 56 -0.71 -6.25 -29.87
C LEU C 56 -0.43 -5.42 -28.62
N SER C 57 0.84 -4.98 -28.44
CA SER C 57 1.30 -4.16 -27.32
C SER C 57 2.63 -3.48 -27.63
N VAL C 58 2.73 -2.19 -27.29
CA VAL C 58 3.95 -1.38 -27.47
C VAL C 58 4.38 -0.93 -26.06
N THR C 59 5.52 -1.46 -25.57
CA THR C 59 6.04 -1.20 -24.23
C THR C 59 7.29 -0.30 -24.21
N LEU C 60 7.21 0.80 -23.42
CA LEU C 60 8.30 1.76 -23.21
C LEU C 60 8.76 1.63 -21.75
N GLU C 61 9.86 0.89 -21.51
CA GLU C 61 10.39 0.66 -20.18
C GLU C 61 11.57 1.61 -19.83
N PRO C 62 11.35 2.60 -18.93
CA PRO C 62 12.47 3.51 -18.58
C PRO C 62 13.49 2.87 -17.65
N THR C 63 14.76 3.27 -17.82
CA THR C 63 15.87 2.79 -16.99
C THR C 63 15.80 3.52 -15.65
N LEU C 64 15.52 2.77 -14.57
CA LEU C 64 15.37 3.32 -13.23
C LEU C 64 16.64 3.35 -12.40
N SER C 65 16.70 4.31 -11.47
CA SER C 65 17.77 4.51 -10.50
C SER C 65 17.12 5.05 -9.23
N LEU C 66 16.96 4.17 -8.23
CA LEU C 66 16.32 4.50 -6.95
C LEU C 66 17.18 5.46 -6.12
N ASP C 67 16.59 6.59 -5.72
CA ASP C 67 17.27 7.58 -4.88
C ASP C 67 17.02 7.25 -3.41
N TYR C 68 15.74 7.15 -3.02
CA TYR C 68 15.30 6.80 -1.66
C TYR C 68 13.85 6.30 -1.64
N ILE C 69 13.39 5.84 -0.47
CA ILE C 69 12.03 5.41 -0.21
C ILE C 69 11.46 6.18 0.98
N THR C 70 10.15 6.40 1.00
CA THR C 70 9.48 7.08 2.10
C THR C 70 8.26 6.30 2.58
N CYS C 71 8.03 6.32 3.90
CA CYS C 71 6.93 5.61 4.56
C CYS C 71 6.45 6.42 5.77
N GLU C 72 5.65 5.79 6.65
CA GLU C 72 5.18 6.43 7.86
C GLU C 72 6.31 6.37 8.89
N TYR C 73 6.50 7.44 9.68
CA TYR C 73 7.54 7.47 10.70
C TYR C 73 7.02 6.94 12.04
N LYS C 74 7.92 6.49 12.91
CA LYS C 74 7.59 5.99 14.23
C LYS C 74 8.35 6.79 15.28
N THR C 75 7.61 7.51 16.15
CA THR C 75 8.21 8.30 17.24
C THR C 75 8.40 7.38 18.43
N VAL C 76 9.64 6.89 18.62
CA VAL C 76 9.99 5.99 19.72
C VAL C 76 10.20 6.81 21.00
N ILE C 77 9.29 6.61 21.97
CA ILE C 77 9.33 7.31 23.26
C ILE C 77 9.42 6.29 24.42
N PRO C 78 10.59 6.16 25.09
CA PRO C 78 10.67 5.23 26.23
C PRO C 78 10.02 5.82 27.48
N SER C 79 9.97 5.05 28.58
CA SER C 79 9.41 5.50 29.86
C SER C 79 10.20 6.71 30.38
N PRO C 80 9.54 7.81 30.80
CA PRO C 80 10.30 8.98 31.25
C PRO C 80 11.01 8.76 32.58
N TYR C 81 12.29 9.17 32.65
CA TYR C 81 13.08 9.02 33.87
C TYR C 81 12.71 10.12 34.87
N VAL C 82 11.92 9.74 35.88
CA VAL C 82 11.46 10.66 36.93
C VAL C 82 12.44 10.55 38.09
N LYS C 83 13.23 11.60 38.32
CA LYS C 83 14.21 11.64 39.40
C LYS C 83 13.63 12.37 40.61
N CYS C 84 13.41 11.62 41.70
CA CYS C 84 12.88 12.16 42.95
C CYS C 84 14.05 12.63 43.79
N CYS C 85 13.94 13.86 44.35
CA CYS C 85 14.96 14.50 45.19
C CYS C 85 16.34 14.55 44.51
N GLY C 86 16.35 14.98 43.25
CA GLY C 86 17.56 15.08 42.44
C GLY C 86 17.36 15.61 41.03
N THR C 87 18.49 15.84 40.32
CA THR C 87 18.53 16.38 38.96
C THR C 87 18.93 15.32 37.92
N ALA C 88 18.19 15.26 36.80
CA ALA C 88 18.43 14.36 35.67
C ALA C 88 19.31 15.08 34.64
N GLU C 89 20.14 14.32 33.90
CA GLU C 89 21.05 14.88 32.89
C GLU C 89 20.85 14.28 31.50
N CYS C 90 20.65 15.16 30.49
CA CYS C 90 20.47 14.75 29.09
C CYS C 90 21.82 14.57 28.40
N LYS C 91 21.95 13.44 27.68
CA LYS C 91 23.16 13.10 26.92
C LYS C 91 22.84 13.13 25.42
N ASP C 92 23.76 13.71 24.62
CA ASP C 92 23.60 13.80 23.17
C ASP C 92 23.78 12.42 22.53
N LYS C 93 22.70 11.90 21.93
CA LYS C 93 22.69 10.59 21.28
C LYS C 93 22.61 10.72 19.76
N ASN C 94 23.38 9.87 19.03
CA ASN C 94 23.39 9.86 17.57
C ASN C 94 22.17 9.08 17.05
N LEU C 95 20.99 9.71 17.14
CA LEU C 95 19.70 9.15 16.73
C LEU C 95 18.94 10.18 15.86
N PRO C 96 18.15 9.74 14.85
CA PRO C 96 17.44 10.72 14.00
C PRO C 96 16.33 11.45 14.73
N ASP C 97 16.35 12.79 14.67
CA ASP C 97 15.42 13.73 15.33
C ASP C 97 15.37 13.55 16.86
N TYR C 98 16.52 13.18 17.46
CA TYR C 98 16.66 12.97 18.90
C TYR C 98 16.47 14.27 19.68
N SER C 99 15.52 14.26 20.61
CA SER C 99 15.18 15.39 21.46
C SER C 99 15.26 14.96 22.92
N CYS C 100 15.87 15.82 23.76
CA CYS C 100 16.01 15.58 25.20
C CYS C 100 15.80 16.86 26.00
N LYS C 101 15.02 16.77 27.08
CA LYS C 101 14.71 17.91 27.95
C LYS C 101 14.46 17.46 29.39
N VAL C 102 14.98 18.24 30.35
CA VAL C 102 14.81 17.98 31.79
C VAL C 102 13.92 19.08 32.37
N PHE C 103 12.77 18.69 32.95
CA PHE C 103 11.81 19.62 33.55
C PHE C 103 11.93 19.62 35.07
N THR C 104 12.18 20.80 35.65
CA THR C 104 12.33 21.01 37.10
C THR C 104 11.01 21.31 37.80
N GLY C 105 10.99 21.10 39.11
CA GLY C 105 9.83 21.35 39.97
C GLY C 105 8.60 20.54 39.66
N VAL C 106 8.79 19.25 39.29
CA VAL C 106 7.69 18.34 38.97
C VAL C 106 7.24 17.55 40.21
N TYR C 107 5.93 17.24 40.28
CA TYR C 107 5.36 16.47 41.38
C TYR C 107 4.32 15.48 40.80
N PRO C 108 4.78 14.36 40.18
CA PRO C 108 3.81 13.43 39.56
C PRO C 108 3.09 12.51 40.55
N PHE C 109 1.91 12.03 40.13
CA PHE C 109 1.05 11.14 40.93
C PHE C 109 0.78 9.82 40.22
N MET C 110 0.69 8.74 41.01
CA MET C 110 0.34 7.39 40.56
C MET C 110 -0.95 6.97 41.29
N TRP C 111 -1.45 5.74 41.04
CA TRP C 111 -2.69 5.21 41.63
C TRP C 111 -2.80 5.39 43.16
N GLY C 112 -1.75 5.05 43.89
CA GLY C 112 -1.72 5.11 45.36
C GLY C 112 -0.96 6.26 45.96
N GLY C 113 -1.11 7.45 45.38
CA GLY C 113 -0.46 8.66 45.86
C GLY C 113 0.69 9.16 45.00
N ALA C 114 1.49 10.08 45.58
CA ALA C 114 2.63 10.70 44.92
C ALA C 114 3.80 9.73 44.74
N TYR C 115 4.51 9.86 43.61
CA TYR C 115 5.66 9.04 43.25
C TYR C 115 6.94 9.53 43.94
N CYS C 116 7.08 10.84 44.15
CA CYS C 116 8.25 11.45 44.78
C CYS C 116 8.02 11.91 46.21
N PHE C 117 9.09 11.87 47.02
CA PHE C 117 9.09 12.30 48.43
C PHE C 117 9.14 13.83 48.52
N CYS C 118 10.09 14.46 47.80
CA CYS C 118 10.28 15.92 47.75
C CYS C 118 9.15 16.60 46.96
N ASP C 119 9.00 17.93 47.07
CA ASP C 119 7.94 18.65 46.34
C ASP C 119 8.46 19.62 45.28
N ALA C 120 9.59 20.31 45.55
CA ALA C 120 10.17 21.30 44.65
C ALA C 120 11.50 20.86 44.00
N GLU C 121 12.15 19.82 44.57
CA GLU C 121 13.44 19.33 44.08
C GLU C 121 13.42 18.01 43.29
N ASN C 122 12.36 17.80 42.48
CA ASN C 122 12.22 16.60 41.63
C ASN C 122 12.30 17.01 40.16
N THR C 123 12.93 16.14 39.33
CA THR C 123 13.09 16.40 37.89
C THR C 123 12.58 15.24 37.03
N GLN C 124 12.15 15.54 35.80
CA GLN C 124 11.69 14.54 34.83
C GLN C 124 12.48 14.66 33.55
N LEU C 125 13.05 13.54 33.08
CA LEU C 125 13.81 13.48 31.83
C LEU C 125 12.92 12.89 30.74
N SER C 126 12.68 13.69 29.69
CA SER C 126 11.88 13.28 28.54
C SER C 126 12.80 13.16 27.33
N GLU C 127 12.77 12.00 26.66
CA GLU C 127 13.57 11.73 25.47
C GLU C 127 12.78 10.99 24.40
N ALA C 128 13.01 11.34 23.12
CA ALA C 128 12.32 10.75 21.98
C ALA C 128 13.13 10.86 20.69
N HIS C 129 13.06 9.82 19.84
CA HIS C 129 13.73 9.79 18.54
C HIS C 129 12.81 9.26 17.44
N VAL C 130 13.08 9.63 16.18
CA VAL C 130 12.28 9.23 15.02
C VAL C 130 13.02 8.18 14.19
N GLU C 131 12.31 7.09 13.86
CA GLU C 131 12.83 5.99 13.03
C GLU C 131 11.73 5.46 12.11
N LYS C 132 12.06 4.49 11.24
CA LYS C 132 11.12 3.85 10.32
C LYS C 132 10.10 3.01 11.08
N SER C 133 8.83 3.06 10.66
CA SER C 133 7.76 2.28 11.28
C SER C 133 7.81 0.83 10.79
N GLU C 134 7.02 -0.05 11.42
CA GLU C 134 6.91 -1.47 11.08
C GLU C 134 6.30 -1.65 9.68
N SER C 135 5.39 -0.72 9.31
CA SER C 135 4.67 -0.66 8.03
C SER C 135 5.55 -0.42 6.80
N CYS C 136 6.75 0.18 6.98
CA CYS C 136 7.72 0.51 5.93
C CYS C 136 8.07 -0.64 4.97
N LYS C 137 7.93 -1.89 5.41
CA LYS C 137 8.17 -3.09 4.61
C LYS C 137 7.06 -3.29 3.59
N THR C 138 5.80 -2.97 3.98
CA THR C 138 4.59 -3.13 3.17
C THR C 138 4.15 -1.80 2.52
N GLU C 139 3.89 -0.77 3.35
CA GLU C 139 3.43 0.56 2.92
C GLU C 139 4.59 1.53 2.74
N PHE C 140 4.96 1.82 1.47
CA PHE C 140 6.05 2.73 1.11
C PHE C 140 5.91 3.30 -0.30
N ALA C 141 6.52 4.48 -0.54
CA ALA C 141 6.56 5.17 -1.82
C ALA C 141 8.02 5.28 -2.25
N SER C 142 8.34 4.83 -3.47
CA SER C 142 9.71 4.83 -4.00
C SER C 142 9.99 6.01 -4.94
N ALA C 143 11.10 6.73 -4.67
CA ALA C 143 11.53 7.88 -5.47
C ALA C 143 12.62 7.45 -6.47
N TYR C 144 12.24 7.36 -7.75
CA TYR C 144 13.13 6.92 -8.84
C TYR C 144 13.59 8.07 -9.74
N ARG C 145 14.72 7.85 -10.44
CA ARG C 145 15.29 8.76 -11.43
C ARG C 145 15.26 8.04 -12.77
N ALA C 146 14.36 8.47 -13.67
CA ALA C 146 14.18 7.86 -14.99
C ALA C 146 15.23 8.31 -16.00
N HIS C 147 15.85 7.34 -16.69
CA HIS C 147 16.88 7.57 -17.70
C HIS C 147 16.35 7.30 -19.12
N THR C 148 17.21 6.79 -20.03
CA THR C 148 16.86 6.46 -21.42
C THR C 148 15.90 5.26 -21.43
N ALA C 149 14.69 5.45 -22.00
CA ALA C 149 13.65 4.42 -22.07
C ALA C 149 13.90 3.45 -23.22
N SER C 150 13.60 2.16 -22.97
CA SER C 150 13.75 1.07 -23.94
C SER C 150 12.39 0.73 -24.56
N ALA C 151 12.31 0.70 -25.90
CA ALA C 151 11.09 0.40 -26.64
C ALA C 151 11.07 -1.06 -27.10
N SER C 152 9.90 -1.72 -26.97
CA SER C 152 9.67 -3.11 -27.36
C SER C 152 8.23 -3.29 -27.83
N ALA C 153 8.03 -4.12 -28.88
CA ALA C 153 6.69 -4.36 -29.44
C ALA C 153 6.35 -5.83 -29.66
N LYS C 154 5.06 -6.16 -29.53
CA LYS C 154 4.48 -7.48 -29.76
C LYS C 154 3.59 -7.34 -31.01
N LEU C 155 4.00 -7.96 -32.12
CA LEU C 155 3.30 -7.85 -33.41
C LEU C 155 2.73 -9.18 -33.91
N ARG C 156 1.46 -9.14 -34.36
CA ARG C 156 0.73 -10.28 -34.93
C ARG C 156 0.83 -10.17 -36.45
N VAL C 157 1.34 -11.23 -37.11
CA VAL C 157 1.49 -11.25 -38.57
C VAL C 157 0.75 -12.45 -39.17
N LEU C 158 -0.15 -12.20 -40.14
CA LEU C 158 -0.86 -13.25 -40.85
C LEU C 158 0.01 -13.63 -42.04
N TYR C 159 0.91 -14.62 -41.82
CA TYR C 159 1.88 -15.11 -42.79
C TYR C 159 1.55 -16.54 -43.21
N GLN C 160 1.32 -16.74 -44.52
CA GLN C 160 0.99 -18.02 -45.17
C GLN C 160 -0.28 -18.68 -44.59
N GLY C 161 -1.28 -17.85 -44.30
CA GLY C 161 -2.57 -18.29 -43.74
C GLY C 161 -2.58 -18.61 -42.26
N ASN C 162 -1.45 -18.37 -41.57
CA ASN C 162 -1.31 -18.62 -40.13
C ASN C 162 -0.86 -17.37 -39.38
N ASN C 163 -1.40 -17.17 -38.17
CA ASN C 163 -1.07 -16.03 -37.31
C ASN C 163 0.20 -16.33 -36.50
N ILE C 164 1.24 -15.49 -36.70
CA ILE C 164 2.52 -15.60 -35.98
C ILE C 164 2.77 -14.38 -35.12
N THR C 165 3.32 -14.58 -33.91
CA THR C 165 3.61 -13.50 -32.95
C THR C 165 5.10 -13.22 -32.89
N VAL C 166 5.48 -11.94 -33.08
CA VAL C 166 6.87 -11.46 -33.05
C VAL C 166 7.04 -10.46 -31.90
N THR C 167 7.95 -10.76 -30.97
CA THR C 167 8.27 -9.90 -29.82
C THR C 167 9.74 -9.47 -29.93
N ALA C 168 9.97 -8.18 -30.22
CA ALA C 168 11.31 -7.61 -30.40
C ALA C 168 11.40 -6.16 -29.93
N TYR C 169 12.64 -5.70 -29.69
CA TYR C 169 12.92 -4.31 -29.28
C TYR C 169 12.78 -3.39 -30.49
N ALA C 170 12.03 -2.28 -30.34
CA ALA C 170 11.81 -1.30 -31.40
C ALA C 170 12.99 -0.32 -31.50
N ASN C 171 14.16 -0.84 -31.92
CA ASN C 171 15.40 -0.08 -32.09
C ASN C 171 16.00 -0.20 -33.49
N GLY C 172 15.42 -1.09 -34.30
CA GLY C 172 15.86 -1.34 -35.67
C GLY C 172 17.16 -2.11 -35.79
N ASP C 173 17.46 -2.96 -34.79
CA ASP C 173 18.68 -3.76 -34.74
C ASP C 173 18.40 -5.21 -34.33
N HIS C 174 17.53 -5.42 -33.33
CA HIS C 174 17.15 -6.74 -32.82
C HIS C 174 16.33 -7.52 -33.85
N ALA C 175 16.93 -8.59 -34.41
CA ALA C 175 16.30 -9.44 -35.42
C ALA C 175 15.73 -10.72 -34.80
N VAL C 176 14.45 -11.01 -35.10
CA VAL C 176 13.74 -12.19 -34.61
C VAL C 176 13.24 -13.00 -35.82
N THR C 177 13.70 -14.26 -35.94
CA THR C 177 13.34 -15.15 -37.03
C THR C 177 12.18 -16.09 -36.63
N VAL C 178 11.03 -15.93 -37.30
CA VAL C 178 9.82 -16.74 -37.09
C VAL C 178 9.43 -17.33 -38.44
N LYS C 179 9.47 -18.68 -38.56
CA LYS C 179 9.17 -19.45 -39.77
C LYS C 179 10.06 -19.02 -40.96
N ASP C 180 11.39 -19.01 -40.72
CA ASP C 180 12.47 -18.63 -41.65
C ASP C 180 12.45 -17.15 -42.11
N ALA C 181 11.47 -16.36 -41.63
CA ALA C 181 11.32 -14.94 -41.96
C ALA C 181 11.92 -14.06 -40.86
N LYS C 182 12.91 -13.22 -41.21
CA LYS C 182 13.61 -12.33 -40.29
C LYS C 182 12.82 -11.02 -40.12
N PHE C 183 12.51 -10.66 -38.86
CA PHE C 183 11.76 -9.46 -38.52
C PHE C 183 12.61 -8.46 -37.74
N ILE C 184 12.67 -7.22 -38.24
CA ILE C 184 13.40 -6.11 -37.62
C ILE C 184 12.40 -4.97 -37.39
N VAL C 185 12.07 -4.71 -36.12
CA VAL C 185 11.10 -3.70 -35.67
C VAL C 185 11.80 -2.41 -35.23
N GLY C 186 11.28 -1.27 -35.71
CA GLY C 186 11.80 0.05 -35.39
C GLY C 186 12.83 0.59 -36.36
N PRO C 187 13.56 1.68 -36.01
CA PRO C 187 13.49 2.47 -34.76
C PRO C 187 12.28 3.42 -34.71
N MET C 188 11.79 3.69 -33.49
CA MET C 188 10.63 4.56 -33.22
C MET C 188 10.83 5.97 -33.77
N SER C 189 9.80 6.53 -34.42
CA SER C 189 9.83 7.88 -35.00
C SER C 189 9.84 8.95 -33.90
N SER C 190 9.15 8.67 -32.78
CA SER C 190 9.06 9.57 -31.63
C SER C 190 9.69 8.91 -30.40
N ALA C 191 10.59 9.65 -29.72
CA ALA C 191 11.28 9.20 -28.51
C ALA C 191 10.54 9.68 -27.24
N TRP C 192 9.28 10.14 -27.41
CA TRP C 192 8.41 10.65 -26.35
C TRP C 192 8.10 9.60 -25.27
N THR C 193 8.11 10.06 -24.01
CA THR C 193 7.83 9.25 -22.82
C THR C 193 6.89 10.01 -21.85
N PRO C 194 5.87 9.34 -21.24
CA PRO C 194 4.98 10.08 -20.31
C PRO C 194 5.64 10.42 -18.97
N PHE C 195 6.80 9.80 -18.68
CA PHE C 195 7.57 9.99 -17.46
C PHE C 195 8.58 11.12 -17.60
N ASP C 196 8.82 11.87 -16.51
CA ASP C 196 9.80 12.95 -16.44
C ASP C 196 11.14 12.38 -15.94
N ASN C 197 12.12 13.25 -15.62
CA ASN C 197 13.43 12.85 -15.12
C ASN C 197 13.34 12.28 -13.69
N LYS C 198 12.37 12.77 -12.90
CA LYS C 198 12.12 12.34 -11.52
C LYS C 198 10.68 11.81 -11.39
N ILE C 199 10.54 10.53 -10.97
CA ILE C 199 9.24 9.85 -10.81
C ILE C 199 9.06 9.21 -9.41
N VAL C 200 7.79 9.09 -8.96
CA VAL C 200 7.42 8.48 -7.68
C VAL C 200 6.47 7.30 -7.94
N VAL C 201 6.78 6.12 -7.36
CA VAL C 201 5.99 4.89 -7.54
C VAL C 201 5.37 4.43 -6.21
N TYR C 202 4.04 4.23 -6.20
CA TYR C 202 3.28 3.71 -5.07
C TYR C 202 2.39 2.57 -5.57
N LYS C 203 2.74 1.32 -5.18
CA LYS C 203 2.05 0.07 -5.56
C LYS C 203 1.90 -0.09 -7.09
N GLY C 204 0.75 0.29 -7.62
CA GLY C 204 0.45 0.22 -9.05
C GLY C 204 0.25 1.57 -9.71
N ASP C 205 0.60 2.65 -8.99
CA ASP C 205 0.44 4.03 -9.46
C ASP C 205 1.78 4.76 -9.57
N VAL C 206 2.00 5.44 -10.72
CA VAL C 206 3.22 6.20 -11.01
C VAL C 206 2.85 7.69 -11.12
N TYR C 207 3.63 8.56 -10.45
CA TYR C 207 3.42 10.00 -10.42
C TYR C 207 4.66 10.75 -10.88
N ASN C 208 4.46 11.81 -11.70
CA ASN C 208 5.53 12.68 -12.17
C ASN C 208 5.70 13.76 -11.10
N MET C 209 6.66 13.55 -10.18
CA MET C 209 6.89 14.47 -9.06
C MET C 209 8.35 14.85 -8.89
N ASP C 210 8.58 16.17 -8.67
CA ASP C 210 9.91 16.72 -8.43
C ASP C 210 10.14 16.67 -6.90
N TYR C 211 10.35 15.44 -6.39
CA TYR C 211 10.55 15.12 -4.99
C TYR C 211 11.81 15.76 -4.38
N PRO C 212 11.85 16.04 -3.05
CA PRO C 212 13.08 16.63 -2.48
C PRO C 212 14.25 15.65 -2.50
N PRO C 213 15.52 16.11 -2.61
CA PRO C 213 16.65 15.16 -2.64
C PRO C 213 16.93 14.50 -1.30
N PHE C 214 17.88 13.53 -1.29
CA PHE C 214 18.28 12.78 -0.10
C PHE C 214 18.96 13.72 0.92
N GLY C 215 18.42 13.76 2.13
CA GLY C 215 18.90 14.59 3.22
C GLY C 215 18.40 16.02 3.18
N ALA C 216 17.36 16.28 2.36
CA ALA C 216 16.78 17.62 2.19
C ALA C 216 15.25 17.64 2.35
N GLY C 217 14.72 16.69 3.12
CA GLY C 217 13.30 16.56 3.40
C GLY C 217 12.78 17.60 4.37
N ARG C 218 11.51 18.00 4.17
CA ARG C 218 10.82 19.01 4.98
C ARG C 218 9.71 18.41 5.86
N PRO C 219 9.47 18.94 7.09
CA PRO C 219 8.43 18.36 7.96
C PRO C 219 6.99 18.53 7.45
N GLY C 220 6.19 17.48 7.62
CA GLY C 220 4.79 17.43 7.22
C GLY C 220 4.56 17.26 5.73
N GLN C 221 5.65 17.13 4.95
CA GLN C 221 5.61 16.99 3.49
C GLN C 221 6.31 15.70 3.05
N PHE C 222 6.14 15.31 1.76
CA PHE C 222 6.73 14.13 1.14
C PHE C 222 8.26 14.19 1.28
N GLY C 223 8.82 13.21 1.99
CA GLY C 223 10.25 13.12 2.23
C GLY C 223 10.69 13.52 3.62
N ASP C 224 9.73 13.69 4.57
CA ASP C 224 10.01 14.05 5.97
C ASP C 224 10.87 12.98 6.65
N ILE C 225 10.75 11.73 6.17
CA ILE C 225 11.51 10.54 6.57
C ILE C 225 12.08 9.90 5.30
N GLN C 226 13.42 9.78 5.22
CA GLN C 226 14.09 9.21 4.05
C GLN C 226 15.02 8.06 4.41
N SER C 227 15.00 7.00 3.59
CA SER C 227 15.82 5.80 3.73
C SER C 227 16.14 5.22 2.36
N ARG C 228 17.35 4.64 2.21
CA ARG C 228 17.86 4.04 0.98
C ARG C 228 16.96 2.93 0.41
N THR C 229 16.56 1.96 1.26
CA THR C 229 15.69 0.83 0.93
C THR C 229 14.68 0.56 2.08
N PRO C 230 13.54 -0.19 1.88
CA PRO C 230 12.62 -0.42 3.01
C PRO C 230 13.20 -1.28 4.15
N GLU C 231 14.35 -1.93 3.92
CA GLU C 231 15.03 -2.79 4.91
C GLU C 231 16.39 -2.20 5.37
N SER C 232 16.71 -0.95 4.95
CA SER C 232 17.95 -0.24 5.27
C SER C 232 18.11 0.06 6.76
N LYS C 233 19.37 0.06 7.26
CA LYS C 233 19.70 0.31 8.66
C LYS C 233 19.55 1.78 9.06
N ASP C 234 20.28 2.69 8.38
CA ASP C 234 20.23 4.12 8.69
C ASP C 234 19.00 4.82 8.10
N VAL C 235 18.57 5.93 8.73
CA VAL C 235 17.39 6.69 8.33
C VAL C 235 17.56 8.21 8.59
N TYR C 236 17.10 9.05 7.64
CA TYR C 236 17.12 10.51 7.72
C TYR C 236 15.74 10.98 8.20
N ALA C 237 15.70 11.89 9.18
CA ALA C 237 14.44 12.41 9.72
C ALA C 237 14.44 13.91 10.00
N ASN C 238 13.36 14.58 9.60
CA ASN C 238 13.10 16.01 9.81
C ASN C 238 11.59 16.17 9.94
N THR C 239 11.07 15.95 11.15
CA THR C 239 9.64 15.99 11.47
C THR C 239 9.25 17.11 12.45
N GLN C 240 10.25 17.94 12.87
CA GLN C 240 10.11 19.05 13.81
C GLN C 240 9.58 18.56 15.17
N LEU C 241 10.30 17.59 15.78
CA LEU C 241 9.95 16.99 17.06
C LEU C 241 10.45 17.88 18.22
N VAL C 242 9.51 18.45 18.98
CA VAL C 242 9.77 19.33 20.13
C VAL C 242 9.02 18.75 21.33
N LEU C 243 9.73 18.50 22.46
CA LEU C 243 9.14 17.95 23.68
C LEU C 243 8.54 19.04 24.55
N GLN C 244 7.33 18.78 25.11
CA GLN C 244 6.60 19.73 25.95
C GLN C 244 6.61 19.33 27.43
N ARG C 245 6.37 20.30 28.33
CA ARG C 245 6.33 20.09 29.78
C ARG C 245 5.08 19.26 30.16
N PRO C 246 5.23 18.18 30.97
CA PRO C 246 4.04 17.37 31.32
C PRO C 246 3.04 18.07 32.24
N ALA C 247 1.78 17.60 32.22
CA ALA C 247 0.67 18.11 33.03
C ALA C 247 0.90 17.88 34.53
N ALA C 248 0.27 18.74 35.37
CA ALA C 248 0.38 18.69 36.83
C ALA C 248 -0.06 17.34 37.41
N GLY C 249 0.86 16.70 38.13
CA GLY C 249 0.65 15.39 38.75
C GLY C 249 0.40 14.26 37.78
N THR C 250 0.94 14.38 36.56
CA THR C 250 0.76 13.42 35.47
C THR C 250 2.09 12.91 34.91
N VAL C 251 2.21 11.58 34.74
CA VAL C 251 3.39 10.95 34.16
C VAL C 251 3.03 10.65 32.70
N HIS C 252 3.57 11.46 31.78
CA HIS C 252 3.38 11.36 30.33
C HIS C 252 4.41 12.19 29.59
N VAL C 253 4.66 11.88 28.30
CA VAL C 253 5.62 12.62 27.49
C VAL C 253 4.89 13.42 26.38
N PRO C 254 4.43 14.66 26.67
CA PRO C 254 3.74 15.43 25.61
C PRO C 254 4.73 16.04 24.61
N TYR C 255 4.34 16.11 23.33
CA TYR C 255 5.18 16.64 22.27
C TYR C 255 4.41 17.29 21.13
N SER C 256 5.07 18.23 20.43
CA SER C 256 4.54 18.91 19.25
C SER C 256 5.36 18.40 18.07
N GLN C 257 4.67 17.84 17.06
CA GLN C 257 5.32 17.26 15.89
C GLN C 257 4.42 17.36 14.65
N ALA C 258 5.04 17.65 13.48
CA ALA C 258 4.34 17.75 12.20
C ALA C 258 3.88 16.34 11.78
N PRO C 259 2.60 16.16 11.34
CA PRO C 259 2.13 14.82 10.96
C PRO C 259 2.86 14.19 9.77
N SER C 260 2.72 12.86 9.60
CA SER C 260 3.34 12.06 8.54
C SER C 260 3.13 12.64 7.13
N GLY C 261 4.23 12.95 6.47
CA GLY C 261 4.26 13.48 5.11
C GLY C 261 3.77 12.48 4.08
N PHE C 262 4.02 11.19 4.33
CA PHE C 262 3.60 10.06 3.49
C PHE C 262 2.09 9.90 3.57
N LYS C 263 1.51 9.98 4.80
CA LYS C 263 0.06 9.88 5.06
C LYS C 263 -0.70 11.05 4.42
N TYR C 264 -0.09 12.26 4.47
CA TYR C 264 -0.65 13.48 3.87
C TYR C 264 -0.61 13.38 2.35
N TRP C 265 0.46 12.78 1.78
CA TRP C 265 0.63 12.60 0.34
C TRP C 265 -0.39 11.60 -0.23
N LEU C 266 -0.73 10.53 0.53
CA LEU C 266 -1.69 9.50 0.11
C LEU C 266 -3.10 10.03 -0.19
N LYS C 267 -3.49 11.16 0.43
CA LYS C 267 -4.80 11.79 0.22
C LYS C 267 -4.72 13.03 -0.70
N GLU C 268 -3.51 13.60 -0.88
CA GLU C 268 -3.26 14.80 -1.69
C GLU C 268 -2.56 14.55 -3.04
N ARG C 269 -2.16 13.30 -3.33
CA ARG C 269 -1.46 12.92 -4.57
C ARG C 269 -2.22 13.20 -5.87
N GLY C 270 -3.55 13.06 -5.82
CA GLY C 270 -4.42 13.27 -6.97
C GLY C 270 -4.43 12.09 -7.91
N ALA C 271 -4.58 12.36 -9.22
CA ALA C 271 -4.61 11.33 -10.26
C ALA C 271 -3.22 10.92 -10.71
N SER C 272 -3.01 9.59 -10.90
CA SER C 272 -1.74 9.01 -11.35
C SER C 272 -1.57 9.14 -12.87
N LEU C 273 -0.40 8.74 -13.40
CA LEU C 273 -0.09 8.80 -14.83
C LEU C 273 -1.01 7.94 -15.72
N GLN C 274 -1.60 6.86 -15.15
CA GLN C 274 -2.56 5.99 -15.84
C GLN C 274 -3.78 6.79 -16.33
N HIS C 275 -4.18 7.82 -15.58
CA HIS C 275 -5.33 8.67 -15.86
C HIS C 275 -4.97 10.03 -16.49
N THR C 276 -3.74 10.55 -16.25
CA THR C 276 -3.31 11.86 -16.74
C THR C 276 -2.44 11.91 -17.99
N ALA C 277 -1.66 10.84 -18.29
CA ALA C 277 -0.75 10.78 -19.43
C ALA C 277 -1.37 11.00 -20.81
N PRO C 278 -0.73 11.80 -21.69
CA PRO C 278 -1.27 12.01 -23.04
C PRO C 278 -1.10 10.79 -23.95
N PHE C 279 -1.72 10.82 -25.15
CA PHE C 279 -1.71 9.77 -26.18
C PHE C 279 -2.36 8.43 -25.77
N GLY C 280 -3.15 8.45 -24.69
CA GLY C 280 -3.85 7.28 -24.16
C GLY C 280 -2.95 6.19 -23.62
N CYS C 281 -1.89 6.58 -22.88
CA CYS C 281 -0.91 5.66 -22.29
C CYS C 281 -1.48 4.88 -21.12
N GLN C 282 -1.22 3.56 -21.09
CA GLN C 282 -1.61 2.66 -20.01
C GLN C 282 -0.36 2.44 -19.16
N ILE C 283 -0.43 2.76 -17.86
CA ILE C 283 0.71 2.65 -16.96
C ILE C 283 0.64 1.40 -16.07
N ALA C 284 1.69 0.56 -16.14
CA ALA C 284 1.84 -0.67 -15.36
C ALA C 284 3.11 -0.62 -14.50
N THR C 285 3.16 -1.44 -13.43
CA THR C 285 4.30 -1.50 -12.52
C THR C 285 4.93 -2.91 -12.50
N ASN C 286 6.08 -3.04 -11.81
CA ASN C 286 6.87 -4.27 -11.64
C ASN C 286 7.26 -4.99 -12.96
N PRO C 287 8.09 -4.40 -13.85
CA PRO C 287 8.73 -3.07 -13.77
C PRO C 287 7.83 -1.95 -14.31
N VAL C 288 8.16 -0.67 -14.01
CA VAL C 288 7.37 0.46 -14.50
C VAL C 288 7.53 0.62 -16.01
N ARG C 289 6.40 0.78 -16.72
CA ARG C 289 6.39 0.88 -18.19
C ARG C 289 5.19 1.62 -18.75
N ALA C 290 5.36 2.21 -19.95
CA ALA C 290 4.31 2.91 -20.69
C ALA C 290 3.81 1.93 -21.75
N VAL C 291 2.53 1.55 -21.68
CA VAL C 291 1.92 0.57 -22.59
C VAL C 291 0.86 1.23 -23.50
N ASN C 292 0.93 0.92 -24.81
CA ASN C 292 0.01 1.36 -25.87
C ASN C 292 -0.12 2.89 -26.04
N CYS C 293 1.02 3.58 -26.15
CA CYS C 293 1.06 5.03 -26.35
C CYS C 293 0.92 5.33 -27.84
N ALA C 294 -0.22 5.91 -28.24
CA ALA C 294 -0.52 6.25 -29.63
C ALA C 294 0.22 7.52 -30.08
N VAL C 295 1.53 7.37 -30.38
CA VAL C 295 2.41 8.47 -30.80
C VAL C 295 3.38 8.05 -31.92
N GLY C 296 3.35 8.80 -33.02
CA GLY C 296 4.20 8.58 -34.18
C GLY C 296 3.89 7.33 -34.98
N ASN C 297 4.92 6.82 -35.69
CA ASN C 297 4.83 5.63 -36.55
C ASN C 297 5.91 4.59 -36.19
N MET C 298 5.81 3.38 -36.77
CA MET C 298 6.75 2.29 -36.53
C MET C 298 7.17 1.57 -37.82
N PRO C 299 8.48 1.64 -38.20
CA PRO C 299 8.93 0.93 -39.41
C PRO C 299 9.18 -0.55 -39.15
N ILE C 300 8.72 -1.42 -40.07
CA ILE C 300 8.86 -2.87 -39.98
C ILE C 300 9.54 -3.43 -41.24
N SER C 301 10.65 -4.18 -41.04
CA SER C 301 11.40 -4.82 -42.10
C SER C 301 11.24 -6.34 -41.99
N ILE C 302 10.73 -6.97 -43.05
CA ILE C 302 10.49 -8.42 -43.10
C ILE C 302 11.30 -9.05 -44.24
N ASP C 303 12.20 -9.99 -43.91
CA ASP C 303 13.02 -10.71 -44.88
C ASP C 303 12.34 -12.05 -45.17
N ILE C 304 11.42 -12.05 -46.15
CA ILE C 304 10.64 -13.22 -46.56
C ILE C 304 11.52 -14.20 -47.37
N PRO C 305 11.56 -15.51 -46.99
CA PRO C 305 12.41 -16.46 -47.73
C PRO C 305 11.94 -16.78 -49.15
N GLU C 306 12.85 -17.36 -49.97
CA GLU C 306 12.64 -17.76 -51.38
C GLU C 306 11.46 -18.72 -51.58
N ALA C 307 11.31 -19.71 -50.68
CA ALA C 307 10.27 -20.74 -50.73
C ALA C 307 8.84 -20.21 -50.67
N ALA C 308 8.63 -19.07 -49.99
CA ALA C 308 7.32 -18.43 -49.84
C ALA C 308 6.81 -17.79 -51.13
N PHE C 309 7.73 -17.37 -52.02
CA PHE C 309 7.39 -16.73 -53.29
C PHE C 309 7.09 -17.71 -54.42
N THR C 310 6.01 -17.43 -55.17
CA THR C 310 5.56 -18.20 -56.33
C THR C 310 5.71 -17.33 -57.58
N ARG C 311 6.26 -17.90 -58.67
CA ARG C 311 6.46 -17.20 -59.94
C ARG C 311 5.13 -16.86 -60.60
N VAL C 312 5.09 -15.77 -61.40
CA VAL C 312 3.89 -15.32 -62.13
C VAL C 312 3.36 -16.36 -63.13
N VAL C 313 4.28 -17.15 -63.73
CA VAL C 313 3.98 -18.22 -64.68
C VAL C 313 3.34 -19.40 -63.92
N ASP C 314 3.87 -19.72 -62.73
CA ASP C 314 3.40 -20.80 -61.85
C ASP C 314 2.11 -20.43 -61.10
N ALA C 315 1.74 -19.13 -61.10
CA ALA C 315 0.55 -18.59 -60.46
C ALA C 315 -0.63 -18.57 -61.46
N PRO C 316 -1.90 -18.72 -61.01
CA PRO C 316 -3.02 -18.71 -61.98
C PRO C 316 -3.26 -17.34 -62.62
N SER C 317 -3.50 -17.34 -63.94
CA SER C 317 -3.75 -16.13 -64.73
C SER C 317 -5.25 -15.82 -64.71
N LEU C 318 -5.62 -14.60 -64.29
CA LEU C 318 -7.01 -14.15 -64.18
C LEU C 318 -7.43 -13.31 -65.38
N THR C 319 -8.51 -13.73 -66.05
CA THR C 319 -9.08 -13.08 -67.24
C THR C 319 -10.58 -12.83 -67.07
N ASP C 320 -11.17 -11.97 -67.92
CA ASP C 320 -12.60 -11.61 -67.96
C ASP C 320 -13.19 -11.31 -66.57
N MET C 321 -12.58 -10.36 -65.85
CA MET C 321 -12.98 -9.98 -64.49
C MET C 321 -14.04 -8.88 -64.46
N SER C 322 -15.03 -9.03 -63.58
CA SER C 322 -16.14 -8.08 -63.37
C SER C 322 -16.44 -7.96 -61.88
N CYS C 323 -16.82 -6.75 -61.43
CA CYS C 323 -17.13 -6.48 -60.02
C CYS C 323 -18.52 -5.88 -59.81
N GLU C 324 -19.18 -6.31 -58.73
CA GLU C 324 -20.50 -5.84 -58.30
C GLU C 324 -20.57 -5.71 -56.79
N VAL C 325 -21.15 -4.59 -56.30
CA VAL C 325 -21.28 -4.31 -54.86
C VAL C 325 -22.77 -4.42 -54.45
N PRO C 326 -23.21 -5.58 -53.91
CA PRO C 326 -24.62 -5.72 -53.51
C PRO C 326 -24.99 -5.02 -52.21
N ALA C 327 -24.01 -4.73 -51.32
CA ALA C 327 -24.26 -4.08 -50.02
C ALA C 327 -23.04 -3.29 -49.53
N CYS C 328 -23.25 -2.03 -49.12
CA CYS C 328 -22.21 -1.15 -48.56
C CYS C 328 -22.73 -0.11 -47.57
N THR C 329 -21.98 0.07 -46.47
CA THR C 329 -22.22 1.04 -45.41
C THR C 329 -20.86 1.61 -45.03
N HIS C 330 -20.65 2.93 -45.23
CA HIS C 330 -19.38 3.57 -44.91
C HIS C 330 -19.16 3.75 -43.41
N SER C 331 -18.40 2.82 -42.82
CA SER C 331 -18.08 2.77 -41.40
C SER C 331 -16.58 2.52 -41.18
N SER C 332 -16.13 2.53 -39.91
CA SER C 332 -14.74 2.27 -39.51
C SER C 332 -14.40 0.79 -39.74
N ASP C 333 -15.40 -0.11 -39.61
CA ASP C 333 -15.27 -1.55 -39.82
C ASP C 333 -15.65 -1.92 -41.27
N PHE C 334 -15.52 -3.22 -41.63
CA PHE C 334 -15.83 -3.72 -42.97
C PHE C 334 -17.36 -3.79 -43.20
N GLY C 335 -17.93 -2.65 -43.57
CA GLY C 335 -19.36 -2.51 -43.83
C GLY C 335 -19.77 -2.68 -45.28
N GLY C 336 -18.84 -3.13 -46.12
CA GLY C 336 -19.06 -3.35 -47.54
C GLY C 336 -18.78 -4.77 -47.98
N VAL C 337 -19.62 -5.30 -48.90
CA VAL C 337 -19.51 -6.64 -49.46
C VAL C 337 -19.37 -6.50 -50.98
N ALA C 338 -18.40 -7.21 -51.60
CA ALA C 338 -18.17 -7.18 -53.04
C ALA C 338 -18.04 -8.57 -53.64
N ILE C 339 -18.74 -8.82 -54.76
CA ILE C 339 -18.71 -10.09 -55.50
C ILE C 339 -17.94 -9.88 -56.81
N ILE C 340 -16.84 -10.62 -56.98
CA ILE C 340 -15.98 -10.53 -58.17
C ILE C 340 -16.02 -11.85 -58.97
N LYS C 341 -16.53 -11.77 -60.21
CA LYS C 341 -16.59 -12.91 -61.14
C LYS C 341 -15.28 -13.01 -61.90
N TYR C 342 -14.80 -14.25 -62.14
CA TYR C 342 -13.51 -14.46 -62.81
C TYR C 342 -13.43 -15.71 -63.69
N ALA C 343 -12.38 -15.77 -64.53
CA ALA C 343 -12.02 -16.88 -65.41
C ALA C 343 -10.53 -17.15 -65.16
N ALA C 344 -10.23 -18.32 -64.57
CA ALA C 344 -8.87 -18.72 -64.20
C ALA C 344 -8.24 -19.74 -65.15
N SER C 345 -6.91 -19.69 -65.29
CA SER C 345 -6.14 -20.61 -66.12
C SER C 345 -5.96 -21.97 -65.44
N LYS C 346 -5.74 -21.96 -64.11
CA LYS C 346 -5.55 -23.16 -63.27
C LYS C 346 -5.96 -22.93 -61.80
N LYS C 347 -5.98 -24.01 -60.99
CA LYS C 347 -6.32 -23.95 -59.56
C LYS C 347 -5.10 -23.51 -58.76
N GLY C 348 -5.32 -22.56 -57.84
CA GLY C 348 -4.28 -22.02 -56.98
C GLY C 348 -4.75 -20.91 -56.07
N LYS C 349 -3.85 -20.43 -55.19
CA LYS C 349 -4.12 -19.36 -54.23
C LYS C 349 -3.70 -18.00 -54.80
N CYS C 350 -4.60 -17.00 -54.69
CA CYS C 350 -4.35 -15.65 -55.18
C CYS C 350 -4.49 -14.59 -54.08
N ALA C 351 -3.61 -13.58 -54.12
CA ALA C 351 -3.60 -12.48 -53.16
C ALA C 351 -4.60 -11.40 -53.56
N VAL C 352 -5.35 -10.89 -52.56
CA VAL C 352 -6.36 -9.84 -52.77
C VAL C 352 -5.88 -8.55 -52.08
N HIS C 353 -5.76 -7.45 -52.85
CA HIS C 353 -5.32 -6.16 -52.34
C HIS C 353 -6.00 -4.99 -53.04
N SER C 354 -6.35 -3.95 -52.26
CA SER C 354 -6.99 -2.75 -52.77
C SER C 354 -5.92 -1.78 -53.28
N MET C 355 -6.06 -1.34 -54.54
CA MET C 355 -5.13 -0.41 -55.18
C MET C 355 -5.43 1.05 -54.84
N THR C 356 -6.60 1.31 -54.23
CA THR C 356 -7.04 2.63 -53.77
C THR C 356 -6.87 2.69 -52.24
N ASN C 357 -6.15 3.71 -51.76
CA ASN C 357 -5.84 3.90 -50.33
C ASN C 357 -7.06 4.19 -49.43
N ALA C 358 -8.16 4.68 -50.00
CA ALA C 358 -9.40 4.99 -49.27
C ALA C 358 -10.20 3.73 -48.87
N VAL C 359 -9.96 2.59 -49.57
CA VAL C 359 -10.65 1.31 -49.34
C VAL C 359 -9.64 0.23 -48.87
N THR C 360 -10.06 -0.59 -47.87
CA THR C 360 -9.25 -1.69 -47.32
C THR C 360 -10.06 -2.99 -47.34
N ILE C 361 -9.47 -4.07 -47.88
CA ILE C 361 -10.11 -5.40 -47.96
C ILE C 361 -9.68 -6.28 -46.78
N ARG C 362 -10.66 -6.99 -46.17
CA ARG C 362 -10.45 -7.90 -45.03
C ARG C 362 -9.64 -9.15 -45.43
N GLU C 363 -9.97 -9.75 -46.59
CA GLU C 363 -9.30 -10.94 -47.11
C GLU C 363 -7.92 -10.60 -47.67
N ALA C 364 -6.94 -11.48 -47.42
CA ALA C 364 -5.55 -11.33 -47.87
C ALA C 364 -5.20 -12.35 -48.95
N GLU C 365 -5.77 -13.58 -48.87
CA GLU C 365 -5.53 -14.68 -49.80
C GLU C 365 -6.77 -15.59 -49.88
N ILE C 366 -7.21 -15.91 -51.11
CA ILE C 366 -8.36 -16.78 -51.40
C ILE C 366 -8.02 -17.81 -52.49
N GLU C 367 -8.72 -18.96 -52.48
CA GLU C 367 -8.53 -20.02 -53.48
C GLU C 367 -9.30 -19.71 -54.77
N VAL C 368 -8.58 -19.75 -55.91
CA VAL C 368 -9.11 -19.46 -57.25
C VAL C 368 -9.09 -20.72 -58.14
N GLU C 369 -10.21 -20.98 -58.86
CA GLU C 369 -10.36 -22.14 -59.76
C GLU C 369 -11.48 -21.92 -60.80
N GLY C 370 -11.14 -22.13 -62.08
CA GLY C 370 -12.02 -22.05 -63.24
C GLY C 370 -12.90 -20.81 -63.36
N ASN C 371 -14.08 -20.97 -63.99
CA ASN C 371 -15.06 -19.91 -64.18
C ASN C 371 -15.98 -19.87 -62.95
N SER C 372 -15.54 -19.14 -61.91
CA SER C 372 -16.25 -19.02 -60.63
C SER C 372 -16.28 -17.56 -60.13
N GLN C 373 -16.75 -17.34 -58.89
CA GLN C 373 -16.84 -16.03 -58.25
C GLN C 373 -16.28 -16.03 -56.82
N LEU C 374 -15.83 -14.84 -56.36
CA LEU C 374 -15.29 -14.65 -55.01
C LEU C 374 -16.02 -13.54 -54.25
N GLN C 375 -16.15 -13.69 -52.92
CA GLN C 375 -16.81 -12.70 -52.06
C GLN C 375 -15.78 -12.07 -51.11
N ILE C 376 -15.69 -10.73 -51.13
CA ILE C 376 -14.77 -9.96 -50.29
C ILE C 376 -15.45 -8.90 -49.44
N SER C 377 -14.93 -8.68 -48.22
CA SER C 377 -15.41 -7.68 -47.28
C SER C 377 -14.48 -6.47 -47.32
N PHE C 378 -15.04 -5.26 -47.43
CA PHE C 378 -14.24 -4.03 -47.51
C PHE C 378 -14.72 -2.90 -46.59
N SER C 379 -13.77 -2.06 -46.15
CA SER C 379 -14.01 -0.90 -45.29
C SER C 379 -13.64 0.40 -46.02
N THR C 380 -14.56 1.38 -45.99
CA THR C 380 -14.39 2.70 -46.62
C THR C 380 -15.15 3.80 -45.84
N ALA C 381 -14.77 5.07 -46.06
CA ALA C 381 -15.40 6.23 -45.43
C ALA C 381 -16.14 7.10 -46.45
N LEU C 382 -15.91 6.85 -47.76
CA LEU C 382 -16.52 7.57 -48.87
C LEU C 382 -17.95 7.11 -49.17
N ALA C 383 -18.82 8.07 -49.57
CA ALA C 383 -20.21 7.81 -49.93
C ALA C 383 -20.28 7.09 -51.29
N SER C 384 -19.45 7.53 -52.25
CA SER C 384 -19.32 6.94 -53.58
C SER C 384 -17.88 6.45 -53.74
N ALA C 385 -17.64 5.17 -53.41
CA ALA C 385 -16.31 4.57 -53.45
C ALA C 385 -16.02 3.83 -54.76
N GLU C 386 -15.07 4.38 -55.53
CA GLU C 386 -14.59 3.79 -56.79
C GLU C 386 -13.17 3.30 -56.52
N PHE C 387 -13.02 1.97 -56.41
CA PHE C 387 -11.75 1.34 -56.07
C PHE C 387 -11.38 0.17 -56.99
N ARG C 388 -10.06 -0.08 -57.12
CA ARG C 388 -9.49 -1.15 -57.94
C ARG C 388 -9.01 -2.30 -57.05
N VAL C 389 -9.44 -3.52 -57.35
CA VAL C 389 -9.08 -4.73 -56.60
C VAL C 389 -8.11 -5.56 -57.45
N GLN C 390 -6.93 -5.88 -56.89
CA GLN C 390 -5.93 -6.70 -57.57
C GLN C 390 -5.95 -8.14 -57.05
N VAL C 391 -6.53 -9.05 -57.85
CA VAL C 391 -6.60 -10.47 -57.53
C VAL C 391 -5.47 -11.12 -58.35
N CYS C 392 -4.45 -11.65 -57.65
CA CYS C 392 -3.22 -12.24 -58.19
C CYS C 392 -2.40 -11.15 -58.92
N SER C 393 -2.34 -11.15 -60.26
CA SER C 393 -1.60 -10.15 -61.04
C SER C 393 -2.51 -9.31 -61.97
N THR C 394 -3.84 -9.51 -61.87
CA THR C 394 -4.84 -8.79 -62.68
C THR C 394 -5.70 -7.88 -61.81
N GLN C 395 -6.06 -6.69 -62.32
CA GLN C 395 -6.88 -5.69 -61.64
C GLN C 395 -8.32 -5.64 -62.15
N VAL C 396 -9.27 -5.30 -61.24
CA VAL C 396 -10.71 -5.18 -61.53
C VAL C 396 -11.30 -3.95 -60.81
N HIS C 397 -12.07 -3.12 -61.55
CA HIS C 397 -12.70 -1.91 -61.02
C HIS C 397 -14.03 -2.21 -60.35
N CYS C 398 -14.22 -1.73 -59.10
CA CYS C 398 -15.44 -1.91 -58.32
C CYS C 398 -16.18 -0.58 -58.13
N ALA C 399 -17.50 -0.59 -58.37
CA ALA C 399 -18.36 0.59 -58.21
C ALA C 399 -19.25 0.39 -56.97
N ALA C 400 -18.99 1.17 -55.91
CA ALA C 400 -19.72 1.07 -54.65
C ALA C 400 -20.43 2.37 -54.25
N GLU C 401 -21.69 2.23 -53.84
CA GLU C 401 -22.53 3.33 -53.35
C GLU C 401 -22.84 3.00 -51.88
N CYS C 402 -22.00 3.54 -50.97
CA CYS C 402 -22.11 3.28 -49.54
C CYS C 402 -22.96 4.32 -48.81
N HIS C 403 -23.77 3.84 -47.85
CA HIS C 403 -24.73 4.64 -47.09
C HIS C 403 -24.28 4.97 -45.66
N PRO C 404 -24.79 6.06 -45.02
CA PRO C 404 -24.34 6.41 -43.66
C PRO C 404 -24.61 5.34 -42.58
N PRO C 405 -23.73 5.20 -41.57
CA PRO C 405 -23.97 4.19 -40.52
C PRO C 405 -25.00 4.63 -39.48
N LYS C 406 -25.35 3.70 -38.57
CA LYS C 406 -26.32 3.92 -37.49
C LYS C 406 -25.79 4.93 -36.45
N ASP C 407 -24.54 4.76 -36.00
CA ASP C 407 -23.91 5.62 -34.98
C ASP C 407 -22.77 6.47 -35.51
N HIS C 408 -22.61 7.68 -34.93
CA HIS C 408 -21.56 8.65 -35.26
C HIS C 408 -20.25 8.36 -34.51
N ILE C 409 -20.34 7.64 -33.38
CA ILE C 409 -19.18 7.29 -32.53
C ILE C 409 -19.05 5.77 -32.40
N VAL C 410 -17.82 5.25 -32.54
CA VAL C 410 -17.48 3.82 -32.43
C VAL C 410 -16.57 3.53 -31.22
N ASN C 411 -16.57 2.27 -30.74
CA ASN C 411 -15.76 1.83 -29.60
C ASN C 411 -14.55 0.95 -30.03
N TYR C 412 -14.03 1.19 -31.24
CA TYR C 412 -12.89 0.46 -31.82
C TYR C 412 -12.04 1.34 -32.76
N PRO C 413 -10.68 1.21 -32.74
CA PRO C 413 -9.86 2.03 -33.64
C PRO C 413 -9.63 1.35 -34.99
C1 NAG D . -5.77 -14.50 -37.12
C2 NAG D . -6.95 -15.51 -37.34
C3 NAG D . -8.27 -14.72 -37.55
C4 NAG D . -8.51 -13.62 -36.47
C5 NAG D . -7.23 -12.76 -36.30
C6 NAG D . -7.35 -11.74 -35.16
C7 NAG D . -5.96 -17.61 -38.30
C8 NAG D . -5.88 -18.41 -39.58
N2 NAG D . -6.71 -16.46 -38.43
O3 NAG D . -9.37 -15.63 -37.63
O4 NAG D . -9.58 -12.77 -36.91
O5 NAG D . -6.07 -13.58 -36.07
O6 NAG D . -7.36 -12.38 -33.87
O7 NAG D . -5.43 -17.97 -37.26
C1 NDG D . -10.91 -12.88 -36.32
C2 NDG D . -11.47 -11.49 -35.83
C3 NDG D . -12.27 -11.59 -34.50
C4 NDG D . -13.13 -12.88 -34.38
C5 NDG D . -12.42 -14.16 -34.92
C6 NDG D . -13.20 -14.87 -36.06
C7 NDG D . -10.24 -9.57 -36.92
C8 NDG D . -9.25 -8.48 -36.65
O5 NDG D . -11.05 -13.94 -35.35
O3 NDG D . -13.08 -10.42 -34.36
O4 NDG D . -13.51 -13.09 -33.01
O6 NDG D . -14.60 -14.98 -35.76
O7 NDG D . -10.76 -9.74 -38.03
N2 NDG D . -10.53 -10.35 -35.82
C1 NAG E . 4.65 -7.16 0.72
C2 NAG E . 5.78 -6.30 0.07
C3 NAG E . 7.11 -7.10 0.22
C4 NAG E . 7.39 -7.53 1.69
C5 NAG E . 6.13 -8.21 2.30
C6 NAG E . 6.29 -8.55 3.80
C7 NAG E . 4.87 -4.78 -1.74
C8 NAG E . 4.74 -4.65 -3.23
N2 NAG E . 5.51 -5.93 -1.33
O3 NAG E . 8.20 -6.34 -0.34
O4 NAG E . 8.47 -8.48 1.71
O5 NAG E . 4.93 -7.42 2.10
O6 NAG E . 6.13 -7.39 4.63
O7 NAG E . 4.44 -3.92 -0.96
C ACT F . 13.66 19.40 22.17
O ACT F . 13.49 19.84 21.04
OXT ACT F . 12.73 18.87 22.75
CH3 ACT F . 15.01 19.51 22.83
#